data_2V5Q
#
_entry.id   2V5Q
#
_cell.length_a   62.329
_cell.length_b   135.225
_cell.length_c   136.824
_cell.angle_alpha   90.00
_cell.angle_beta   90.00
_cell.angle_gamma   90.00
#
_symmetry.space_group_name_H-M   'P 21 21 21'
#
loop_
_entity.id
_entity.type
_entity.pdbx_description
1 polymer 'SERINE/THREONINE-PROTEIN KINASE PLK1'
2 polymer 'DESIGN ANKYRIN REPEAT PROTEIN'
3 water water
#
loop_
_entity_poly.entity_id
_entity_poly.type
_entity_poly.pdbx_seq_one_letter_code
_entity_poly.pdbx_strand_id
1 'polypeptide(L)'
;GSAAPPAKEIPEVLVDPRSRRRYVRGRFLGKGGFAKCFEISDADTKEVFAGKIVPKSLLLKPHQREKMSMEISIHRSLAH
QHVVGFHGFFEDNDFVFVVLELCRRRSLLELHKRRKALTEPEARYYLRQIVLGCQYLHRNRVIHRDLKLGNLFLNEDLEV
KIGDFGLATKVEYDGERKKTLCGTPNYIAPEVLSKKGHSFEVDVWSIGCIMYTLLVGKPPFETSCLKETYLRIKKNEYSI
PKHINPVAASLIQKMLQTDPTARPTINELLNDEFFTSGYIPARLPITCLTIPPRFSIAPSSLDPSNRKPLTVLNK
;
A,B
2 'polypeptide(L)'
;MRGSHHHHHHGSDLGKKLLEAARAGQDDEVRILIANGADVNAVDNTGLTPLHLAAVSGHLEIVEVLLKHGADVDAADVYG
FTPLHLAAMTGHLEIVEVLLKYGADVNAFDMTGSTPLHLAADEGHLEIVEVLLKYGADVNAQDKFGKTAFDISIDNGNED
LAKSCRN
;
C,D
#
# COMPACT_ATOMS: atom_id res chain seq x y z
N GLU A 9 0.03 -36.94 20.78
CA GLU A 9 1.33 -37.09 21.50
C GLU A 9 2.04 -35.74 21.71
N ILE A 10 1.63 -34.71 20.95
CA ILE A 10 2.25 -33.37 21.03
C ILE A 10 2.02 -32.71 22.40
N PRO A 11 3.09 -32.18 23.01
CA PRO A 11 2.95 -31.43 24.26
C PRO A 11 2.03 -30.21 24.12
N GLU A 12 1.29 -29.91 25.18
CA GLU A 12 0.39 -28.74 25.19
C GLU A 12 1.15 -27.43 25.44
N VAL A 13 2.33 -27.54 26.04
CA VAL A 13 3.23 -26.40 26.23
C VAL A 13 4.56 -26.75 25.57
N LEU A 14 5.14 -25.77 24.89
CA LEU A 14 6.43 -25.96 24.22
C LEU A 14 7.46 -25.16 24.96
N VAL A 15 8.47 -25.85 25.48
CA VAL A 15 9.52 -25.22 26.26
C VAL A 15 10.83 -25.26 25.50
N ASP A 16 11.38 -24.07 25.22
CA ASP A 16 12.70 -23.92 24.61
C ASP A 16 13.78 -23.77 25.69
N PRO A 17 14.65 -24.79 25.85
CA PRO A 17 15.65 -24.80 26.93
C PRO A 17 16.79 -23.79 26.72
N ARG A 18 17.12 -23.52 25.47
CA ARG A 18 18.11 -22.51 25.10
C ARG A 18 17.64 -21.10 25.47
N SER A 19 16.47 -20.71 24.95
CA SER A 19 15.98 -19.32 25.08
C SER A 19 15.27 -19.03 26.40
N ARG A 20 14.74 -20.08 27.03
CA ARG A 20 13.95 -19.99 28.27
C ARG A 20 12.50 -19.56 28.04
N ARG A 21 12.17 -19.24 26.79
CA ARG A 21 10.79 -18.93 26.42
C ARG A 21 9.98 -20.22 26.33
N ARG A 22 8.73 -20.14 26.78
CA ARG A 22 7.79 -21.26 26.67
CA ARG A 22 7.78 -21.25 26.65
C ARG A 22 6.52 -20.83 25.92
N TYR A 23 5.92 -21.77 25.19
CA TYR A 23 4.81 -21.45 24.31
C TYR A 23 3.62 -22.37 24.54
N VAL A 24 2.44 -21.78 24.64
CA VAL A 24 1.22 -22.57 24.77
C VAL A 24 0.68 -22.89 23.38
N ARG A 25 0.46 -24.18 23.11
CA ARG A 25 -0.06 -24.64 21.83
C ARG A 25 -1.51 -24.20 21.69
N GLY A 26 -1.85 -23.66 20.53
CA GLY A 26 -3.20 -23.22 20.27
C GLY A 26 -3.80 -23.82 19.04
N ARG A 27 -4.56 -22.99 18.35
CA ARG A 27 -5.27 -23.33 17.13
C ARG A 27 -4.42 -24.06 16.10
N PHE A 28 -4.91 -25.23 15.67
CA PHE A 28 -4.31 -25.96 14.57
C PHE A 28 -4.49 -25.14 13.30
N LEU A 29 -3.40 -24.96 12.56
CA LEU A 29 -3.42 -24.18 11.33
C LEU A 29 -3.41 -25.07 10.10
N GLY A 30 -2.78 -26.24 10.20
CA GLY A 30 -2.69 -27.17 9.08
C GLY A 30 -1.46 -28.06 9.07
N LYS A 31 -1.56 -29.20 8.39
CA LYS A 31 -0.45 -30.10 8.18
C LYS A 31 0.17 -29.87 6.81
N GLY A 32 1.40 -30.34 6.62
CA GLY A 32 2.09 -30.17 5.34
C GLY A 32 3.38 -30.97 5.30
N GLY A 33 3.31 -32.13 4.65
CA GLY A 33 4.46 -33.03 4.59
C GLY A 33 4.62 -33.79 5.89
N PHE A 34 5.67 -33.47 6.63
CA PHE A 34 5.95 -34.13 7.92
C PHE A 34 5.49 -33.32 9.15
N ALA A 35 4.98 -32.11 8.93
CA ALA A 35 4.71 -31.16 10.03
C ALA A 35 3.25 -30.80 10.18
N LYS A 36 2.84 -30.56 11.42
CA LYS A 36 1.59 -29.86 11.71
C LYS A 36 1.96 -28.48 12.22
N CYS A 37 1.13 -27.49 11.87
CA CYS A 37 1.29 -26.12 12.37
C CYS A 37 0.18 -25.71 13.31
N PHE A 38 0.58 -25.09 14.41
CA PHE A 38 -0.35 -24.50 15.37
C PHE A 38 0.07 -23.06 15.64
N GLU A 39 -0.90 -22.22 15.96
CA GLU A 39 -0.60 -20.96 16.63
C GLU A 39 -0.03 -21.30 17.99
N ILE A 40 1.07 -20.66 18.34
CA ILE A 40 1.64 -20.81 19.66
C ILE A 40 1.76 -19.43 20.31
N SER A 41 1.55 -19.39 21.63
CA SER A 41 1.59 -18.15 22.38
C SER A 41 2.76 -18.16 23.36
N ASP A 42 3.57 -17.10 23.34
CA ASP A 42 4.57 -16.91 24.38
C ASP A 42 3.82 -16.67 25.68
N ALA A 43 4.10 -17.51 26.67
CA ALA A 43 3.40 -17.46 27.95
C ALA A 43 3.62 -16.16 28.72
N ASP A 44 4.78 -15.54 28.51
CA ASP A 44 5.12 -14.28 29.17
C ASP A 44 4.65 -13.07 28.35
N THR A 45 5.15 -12.97 27.13
CA THR A 45 4.92 -11.80 26.27
C THR A 45 3.51 -11.74 25.66
N LYS A 46 2.89 -12.92 25.51
CA LYS A 46 1.55 -13.07 24.89
C LYS A 46 1.57 -12.95 23.35
N GLU A 47 2.76 -12.87 22.78
CA GLU A 47 2.96 -12.85 21.33
C GLU A 47 2.58 -14.19 20.69
N VAL A 48 2.02 -14.12 19.48
CA VAL A 48 1.60 -15.33 18.77
C VAL A 48 2.47 -15.59 17.53
N PHE A 49 2.79 -16.86 17.35
CA PHE A 49 3.63 -17.33 16.26
C PHE A 49 3.04 -18.57 15.65
N ALA A 50 3.59 -18.95 14.50
CA ALA A 50 3.31 -20.23 13.91
C ALA A 50 4.33 -21.17 14.50
N GLY A 51 3.84 -22.20 15.18
CA GLY A 51 4.68 -23.28 15.68
C GLY A 51 4.55 -24.44 14.72
N LYS A 52 5.66 -24.77 14.09
CA LYS A 52 5.74 -25.87 13.15
C LYS A 52 6.35 -27.04 13.90
N ILE A 53 5.60 -28.13 13.95
CA ILE A 53 5.94 -29.25 14.83
C ILE A 53 6.14 -30.52 14.02
N VAL A 54 7.38 -31.02 14.05
CA VAL A 54 7.78 -32.21 13.29
C VAL A 54 8.19 -33.36 14.20
N PRO A 55 7.49 -34.52 14.08
CA PRO A 55 7.86 -35.67 14.91
C PRO A 55 9.14 -36.33 14.39
N LYS A 56 10.01 -36.69 15.32
CA LYS A 56 11.29 -37.29 14.94
C LYS A 56 11.09 -38.67 14.30
N SER A 57 10.04 -39.39 14.72
CA SER A 57 9.65 -40.65 14.07
C SER A 57 9.57 -40.52 12.54
N LEU A 58 9.30 -39.31 12.06
CA LEU A 58 9.26 -39.04 10.63
C LEU A 58 10.59 -38.44 10.14
N LEU A 59 11.44 -38.05 11.08
CA LEU A 59 12.80 -37.59 10.74
C LEU A 59 13.71 -38.80 10.70
N LEU A 60 13.08 -39.96 10.46
CA LEU A 60 13.80 -41.19 10.23
C LEU A 60 14.51 -41.13 8.87
N LYS A 61 15.71 -40.60 8.99
CA LYS A 61 16.73 -40.43 7.95
C LYS A 61 16.51 -39.57 6.68
N PRO A 62 17.08 -40.03 5.53
CA PRO A 62 18.00 -39.23 4.70
C PRO A 62 17.49 -37.87 4.27
N HIS A 63 16.80 -37.86 3.12
CA HIS A 63 16.25 -36.65 2.49
C HIS A 63 15.28 -35.89 3.40
N GLN A 64 14.60 -36.59 4.30
CA GLN A 64 13.69 -35.96 5.25
C GLN A 64 14.38 -35.31 6.47
N ARG A 65 15.35 -36.03 7.09
CA ARG A 65 16.11 -35.47 8.22
C ARG A 65 16.85 -34.18 7.87
N GLU A 66 17.71 -34.24 6.86
CA GLU A 66 18.56 -33.10 6.57
C GLU A 66 17.82 -32.07 5.73
N LYS A 67 16.66 -32.45 5.20
CA LYS A 67 15.73 -31.47 4.63
C LYS A 67 15.12 -30.63 5.76
N MET A 68 15.12 -31.20 6.96
CA MET A 68 14.73 -30.50 8.17
C MET A 68 15.89 -29.60 8.61
N SER A 69 17.11 -30.15 8.59
CA SER A 69 18.31 -29.49 9.06
C SER A 69 18.76 -28.36 8.12
N MET A 70 18.79 -28.67 6.82
CA MET A 70 19.18 -27.70 5.80
C MET A 70 18.19 -26.57 5.79
N GLU A 71 16.91 -26.93 5.86
CA GLU A 71 15.84 -25.96 5.88
C GLU A 71 15.96 -25.00 7.05
N ILE A 72 16.23 -25.55 8.24
CA ILE A 72 16.46 -24.72 9.42
C ILE A 72 17.72 -23.86 9.26
N SER A 73 18.82 -24.44 8.83
CA SER A 73 20.05 -23.68 8.63
C SER A 73 19.85 -22.53 7.64
N ILE A 74 19.17 -22.79 6.53
CA ILE A 74 18.89 -21.72 5.55
C ILE A 74 17.91 -20.67 6.09
N HIS A 75 16.77 -21.13 6.58
CA HIS A 75 15.73 -20.20 6.96
C HIS A 75 16.19 -19.23 8.06
N ARG A 76 16.89 -19.77 9.07
CA ARG A 76 17.35 -18.98 10.22
C ARG A 76 18.34 -17.86 9.88
N SER A 77 19.00 -17.98 8.74
CA SER A 77 19.96 -16.99 8.26
C SER A 77 19.29 -15.80 7.57
N LEU A 78 17.98 -15.91 7.33
CA LEU A 78 17.26 -14.95 6.50
C LEU A 78 16.40 -13.98 7.31
N ALA A 79 16.29 -12.75 6.82
CA ALA A 79 15.49 -11.72 7.45
C ALA A 79 15.12 -10.66 6.42
N HIS A 80 13.84 -10.62 6.05
CA HIS A 80 13.36 -9.73 5.02
C HIS A 80 11.85 -9.54 5.09
N GLN A 81 11.40 -8.36 4.68
CA GLN A 81 10.00 -7.97 4.70
C GLN A 81 9.14 -8.99 4.01
N HIS A 82 9.70 -9.65 3.00
CA HIS A 82 8.91 -10.60 2.18
C HIS A 82 9.36 -12.06 2.30
N VAL A 83 9.93 -12.40 3.46
CA VAL A 83 10.30 -13.77 3.79
C VAL A 83 9.71 -14.04 5.18
N VAL A 84 9.11 -15.22 5.37
CA VAL A 84 8.57 -15.58 6.67
C VAL A 84 9.66 -15.43 7.74
N GLY A 85 9.36 -14.72 8.81
CA GLY A 85 10.31 -14.52 9.90
C GLY A 85 10.61 -15.79 10.68
N PHE A 86 11.89 -15.99 10.96
CA PHE A 86 12.36 -17.16 11.70
C PHE A 86 12.62 -16.68 13.11
N HIS A 87 11.96 -17.30 14.08
CA HIS A 87 12.10 -16.85 15.46
C HIS A 87 12.90 -17.81 16.33
N GLY A 88 12.96 -19.07 15.92
CA GLY A 88 13.89 -20.00 16.57
C GLY A 88 13.44 -21.42 16.38
N PHE A 89 14.23 -22.34 16.95
CA PHE A 89 13.92 -23.76 16.89
C PHE A 89 14.51 -24.44 18.10
N PHE A 90 13.86 -25.53 18.51
CA PHE A 90 14.35 -26.38 19.58
C PHE A 90 13.73 -27.75 19.39
N GLU A 91 14.09 -28.69 20.25
CA GLU A 91 13.59 -30.04 20.13
C GLU A 91 13.46 -30.67 21.50
N ASP A 92 12.56 -31.63 21.62
CA ASP A 92 12.61 -32.59 22.72
C ASP A 92 12.92 -33.96 22.14
N ASN A 93 12.77 -35.01 22.93
CA ASN A 93 13.11 -36.34 22.45
C ASN A 93 12.21 -36.85 21.33
N ASP A 94 11.03 -36.23 21.17
CA ASP A 94 10.03 -36.68 20.21
C ASP A 94 9.84 -35.78 19.00
N PHE A 95 9.88 -34.47 19.22
CA PHE A 95 9.61 -33.49 18.15
C PHE A 95 10.71 -32.48 17.92
N VAL A 96 10.66 -31.86 16.76
CA VAL A 96 11.40 -30.65 16.47
C VAL A 96 10.36 -29.56 16.37
N PHE A 97 10.63 -28.43 17.03
CA PHE A 97 9.71 -27.29 17.08
C PHE A 97 10.35 -26.11 16.37
N VAL A 98 9.65 -25.54 15.39
CA VAL A 98 10.15 -24.35 14.70
C VAL A 98 9.18 -23.20 14.92
N VAL A 99 9.74 -22.09 15.40
CA VAL A 99 8.94 -20.92 15.72
C VAL A 99 9.05 -19.92 14.60
N LEU A 100 7.94 -19.67 13.92
CA LEU A 100 7.93 -18.81 12.73
C LEU A 100 6.99 -17.63 12.88
N GLU A 101 7.22 -16.60 12.07
CA GLU A 101 6.26 -15.53 11.90
C GLU A 101 4.87 -16.08 11.48
N LEU A 102 3.85 -15.76 12.28
CA LEU A 102 2.48 -16.14 11.96
C LEU A 102 1.90 -15.23 10.87
N CYS A 103 1.48 -15.84 9.75
CA CYS A 103 0.85 -15.13 8.66
C CYS A 103 -0.58 -15.57 8.67
N ARG A 104 -1.46 -14.69 9.17
CA ARG A 104 -2.83 -15.07 9.53
C ARG A 104 -3.79 -15.15 8.35
N ARG A 105 -3.34 -14.78 7.16
CA ARG A 105 -4.23 -14.76 6.00
C ARG A 105 -3.92 -15.88 5.00
N ARG A 106 -3.42 -17.00 5.52
CA ARG A 106 -3.18 -18.18 4.69
C ARG A 106 -2.16 -17.85 3.58
N SER A 107 -2.41 -18.31 2.36
CA SER A 107 -1.44 -18.21 1.27
C SER A 107 -2.16 -17.88 -0.05
N LEU A 108 -1.39 -17.70 -1.12
CA LEU A 108 -1.95 -17.45 -2.43
C LEU A 108 -2.75 -18.63 -2.97
N LEU A 109 -2.50 -19.82 -2.44
CA LEU A 109 -3.27 -21.00 -2.83
C LEU A 109 -4.74 -20.86 -2.49
N GLU A 110 -5.05 -20.47 -1.25
CA GLU A 110 -6.42 -20.31 -0.80
C GLU A 110 -7.09 -19.19 -1.59
N LEU A 111 -6.32 -18.13 -1.86
CA LEU A 111 -6.80 -17.03 -2.68
C LEU A 111 -7.15 -17.55 -4.07
N HIS A 112 -6.24 -18.33 -4.64
CA HIS A 112 -6.42 -18.83 -6.00
C HIS A 112 -7.64 -19.76 -6.07
N LYS A 113 -7.79 -20.65 -5.10
CA LYS A 113 -8.93 -21.55 -5.09
C LYS A 113 -10.26 -20.79 -5.10
N ARG A 114 -10.28 -19.59 -4.53
CA ARG A 114 -11.53 -18.82 -4.43
C ARG A 114 -11.76 -17.90 -5.61
N ARG A 115 -10.67 -17.35 -6.11
CA ARG A 115 -10.72 -16.25 -7.07
C ARG A 115 -10.40 -16.70 -8.47
N LYS A 116 -9.59 -17.76 -8.59
CA LYS A 116 -9.03 -18.17 -9.89
C LYS A 116 -8.20 -17.01 -10.42
N ALA A 117 -8.50 -16.50 -11.61
CA ALA A 117 -7.73 -15.39 -12.18
C ALA A 117 -8.00 -14.11 -11.42
N LEU A 118 -6.92 -13.44 -11.03
CA LEU A 118 -7.01 -12.12 -10.41
C LEU A 118 -7.08 -11.02 -11.43
N THR A 119 -7.40 -9.81 -10.98
CA THR A 119 -7.25 -8.65 -11.84
C THR A 119 -5.74 -8.37 -11.92
N GLU A 120 -5.32 -7.71 -13.00
CA GLU A 120 -3.90 -7.47 -13.20
C GLU A 120 -3.25 -6.63 -12.08
N PRO A 121 -3.92 -5.56 -11.59
CA PRO A 121 -3.29 -4.83 -10.47
C PRO A 121 -3.05 -5.67 -9.22
N GLU A 122 -3.97 -6.58 -8.93
CA GLU A 122 -3.73 -7.51 -7.82
C GLU A 122 -2.51 -8.37 -8.09
N ALA A 123 -2.43 -8.89 -9.31
CA ALA A 123 -1.30 -9.75 -9.66
C ALA A 123 0.00 -8.97 -9.52
N ARG A 124 0.00 -7.76 -10.08
CA ARG A 124 1.18 -6.91 -10.05
C ARG A 124 1.58 -6.70 -8.59
N TYR A 125 0.55 -6.44 -7.76
CA TYR A 125 0.73 -6.15 -6.34
C TYR A 125 1.40 -7.32 -5.61
N TYR A 126 0.94 -8.54 -5.86
CA TYR A 126 1.55 -9.71 -5.25
C TYR A 126 2.92 -10.06 -5.81
N LEU A 127 3.04 -9.96 -7.12
CA LEU A 127 4.23 -10.37 -7.84
C LEU A 127 5.41 -9.47 -7.54
N ARG A 128 5.18 -8.17 -7.35
CA ARG A 128 6.29 -7.30 -7.00
C ARG A 128 6.92 -7.77 -5.67
N GLN A 129 6.08 -8.04 -4.69
CA GLN A 129 6.52 -8.50 -3.39
C GLN A 129 7.24 -9.85 -3.50
N ILE A 130 6.68 -10.78 -4.29
CA ILE A 130 7.33 -12.08 -4.48
C ILE A 130 8.72 -11.89 -5.09
N VAL A 131 8.83 -10.99 -6.07
CA VAL A 131 10.11 -10.78 -6.74
C VAL A 131 11.12 -10.14 -5.77
N LEU A 132 10.67 -9.19 -4.97
CA LEU A 132 11.56 -8.49 -4.03
C LEU A 132 12.11 -9.46 -2.96
N GLY A 133 11.25 -10.35 -2.48
CA GLY A 133 11.67 -11.35 -1.51
C GLY A 133 12.69 -12.28 -2.12
N CYS A 134 12.43 -12.67 -3.36
CA CYS A 134 13.28 -13.61 -4.07
C CYS A 134 14.60 -12.97 -4.44
N GLN A 135 14.55 -11.68 -4.82
CA GLN A 135 15.77 -10.91 -5.05
C GLN A 135 16.65 -10.96 -3.82
N TYR A 136 16.07 -10.74 -2.64
CA TYR A 136 16.85 -10.79 -1.41
C TYR A 136 17.47 -12.18 -1.23
N LEU A 137 16.71 -13.25 -1.52
CA LEU A 137 17.23 -14.64 -1.44
C LEU A 137 18.41 -14.83 -2.36
N HIS A 138 18.28 -14.39 -3.61
CA HIS A 138 19.37 -14.56 -4.57
C HIS A 138 20.64 -13.82 -4.18
N ARG A 139 20.47 -12.62 -3.63
CA ARG A 139 21.60 -11.82 -3.21
C ARG A 139 22.34 -12.45 -2.03
N ASN A 140 21.62 -13.23 -1.25
CA ASN A 140 22.19 -13.99 -0.16
C ASN A 140 22.48 -15.43 -0.56
N ARG A 141 22.47 -15.67 -1.87
CA ARG A 141 22.99 -16.90 -2.46
C ARG A 141 22.09 -18.12 -2.19
N VAL A 142 20.83 -17.87 -1.90
CA VAL A 142 19.85 -18.93 -1.63
C VAL A 142 18.93 -19.11 -2.85
N ILE A 143 18.80 -20.34 -3.34
CA ILE A 143 17.80 -20.64 -4.34
C ILE A 143 16.66 -21.36 -3.60
N HIS A 144 15.44 -20.84 -3.73
CA HIS A 144 14.29 -21.43 -3.02
C HIS A 144 13.92 -22.82 -3.56
N ARG A 145 13.75 -22.86 -4.88
CA ARG A 145 13.56 -24.09 -5.69
C ARG A 145 12.21 -24.77 -5.59
N ASP A 146 11.28 -24.13 -4.90
CA ASP A 146 9.94 -24.70 -4.80
C ASP A 146 8.91 -23.60 -4.57
N LEU A 147 9.08 -22.47 -5.25
CA LEU A 147 8.10 -21.39 -5.16
C LEU A 147 6.79 -21.88 -5.74
N LYS A 148 5.70 -21.65 -5.01
CA LYS A 148 4.36 -22.08 -5.45
C LYS A 148 3.33 -21.30 -4.63
N LEU A 149 2.07 -21.36 -5.03
CA LEU A 149 1.02 -20.59 -4.37
C LEU A 149 0.96 -20.90 -2.87
N GLY A 150 1.08 -22.17 -2.53
CA GLY A 150 0.95 -22.64 -1.15
C GLY A 150 2.04 -22.22 -0.14
N ASN A 151 3.19 -21.73 -0.61
CA ASN A 151 4.20 -21.21 0.32
C ASN A 151 4.48 -19.72 0.16
N LEU A 152 3.55 -19.06 -0.52
CA LEU A 152 3.56 -17.60 -0.59
C LEU A 152 2.48 -17.10 0.38
N PHE A 153 2.86 -16.85 1.63
CA PHE A 153 1.90 -16.58 2.71
C PHE A 153 1.50 -15.11 2.77
N LEU A 154 0.31 -14.86 3.30
CA LEU A 154 -0.19 -13.51 3.44
C LEU A 154 -0.40 -13.15 4.91
N ASN A 155 0.10 -11.99 5.31
CA ASN A 155 -0.19 -11.50 6.64
C ASN A 155 -1.50 -10.69 6.63
N GLU A 156 -1.80 -10.03 7.74
CA GLU A 156 -3.05 -9.30 7.90
C GLU A 156 -3.15 -8.08 7.00
N ASP A 157 -2.02 -7.61 6.51
CA ASP A 157 -1.97 -6.48 5.57
C ASP A 157 -1.89 -6.95 4.13
N LEU A 158 -2.11 -8.25 3.93
CA LEU A 158 -1.99 -8.90 2.62
C LEU A 158 -0.62 -8.64 2.00
N GLU A 159 0.39 -8.67 2.85
CA GLU A 159 1.78 -8.66 2.44
C GLU A 159 2.28 -10.11 2.30
N VAL A 160 3.02 -10.35 1.22
CA VAL A 160 3.54 -11.67 0.92
C VAL A 160 4.80 -11.95 1.70
N LYS A 161 4.87 -13.15 2.27
CA LYS A 161 6.04 -13.67 2.95
C LYS A 161 6.31 -15.03 2.35
N ILE A 162 7.47 -15.17 1.70
CA ILE A 162 7.95 -16.45 1.20
C ILE A 162 8.34 -17.36 2.36
N GLY A 163 7.79 -18.58 2.39
CA GLY A 163 8.20 -19.57 3.40
C GLY A 163 8.56 -20.90 2.74
N ASP A 164 8.69 -21.95 3.56
CA ASP A 164 8.93 -23.34 3.11
C ASP A 164 10.26 -23.49 2.38
N PHE A 165 11.35 -23.48 3.14
CA PHE A 165 12.71 -23.61 2.61
C PHE A 165 13.24 -25.04 2.60
N GLY A 166 12.31 -26.00 2.62
CA GLY A 166 12.64 -27.41 2.63
C GLY A 166 13.40 -27.90 1.40
N LEU A 167 13.20 -27.26 0.26
CA LEU A 167 13.89 -27.62 -0.98
C LEU A 167 15.02 -26.67 -1.33
N ALA A 168 15.20 -25.65 -0.50
CA ALA A 168 16.13 -24.57 -0.79
C ALA A 168 17.58 -25.04 -0.72
N THR A 169 18.45 -24.25 -1.34
CA THR A 169 19.87 -24.56 -1.32
C THR A 169 20.70 -23.26 -1.33
N LYS A 170 21.92 -23.35 -0.81
CA LYS A 170 22.84 -22.25 -0.76
C LYS A 170 23.88 -22.47 -1.86
N VAL A 171 24.00 -21.52 -2.78
CA VAL A 171 25.10 -21.50 -3.74
C VAL A 171 26.38 -21.16 -2.97
N GLU A 172 27.31 -22.10 -2.98
CA GLU A 172 28.49 -22.06 -2.11
C GLU A 172 29.69 -21.44 -2.81
N TYR A 173 29.65 -21.49 -4.14
CA TYR A 173 30.67 -20.92 -4.98
C TYR A 173 30.05 -20.47 -6.30
N ASP A 174 30.79 -19.62 -7.00
CA ASP A 174 30.27 -18.90 -8.15
C ASP A 174 30.34 -19.75 -9.39
N GLY A 175 29.22 -19.84 -10.09
CA GLY A 175 29.10 -20.75 -11.23
C GLY A 175 28.72 -22.17 -10.83
N GLU A 176 28.37 -22.38 -9.58
CA GLU A 176 28.04 -23.70 -9.11
C GLU A 176 26.77 -24.19 -9.84
N ARG A 177 26.76 -25.47 -10.19
CA ARG A 177 25.60 -26.11 -10.81
C ARG A 177 25.06 -27.12 -9.83
N LYS A 178 23.85 -26.88 -9.35
CA LYS A 178 23.18 -27.81 -8.47
C LYS A 178 22.71 -28.98 -9.30
N LYS A 179 22.84 -30.19 -8.76
CA LYS A 179 22.50 -31.40 -9.49
C LYS A 179 21.35 -32.16 -8.86
N THR A 180 21.21 -32.00 -7.55
CA THR A 180 20.29 -32.78 -6.75
C THR A 180 19.30 -31.85 -6.07
N LEU A 181 18.11 -32.38 -5.80
CA LEU A 181 17.16 -31.77 -4.90
C LEU A 181 16.77 -32.79 -3.85
N CYS A 182 16.26 -32.28 -2.75
CA CYS A 182 15.90 -33.06 -1.60
C CYS A 182 14.44 -33.56 -1.71
N GLY A 183 13.81 -33.26 -2.86
CA GLY A 183 12.43 -33.66 -3.16
C GLY A 183 12.02 -33.18 -4.54
N THR A 184 10.73 -33.18 -4.83
CA THR A 184 10.24 -32.83 -6.18
C THR A 184 9.54 -31.45 -6.17
N PRO A 185 10.11 -30.45 -6.87
CA PRO A 185 9.45 -29.14 -6.88
C PRO A 185 8.05 -29.21 -7.49
N ASN A 186 7.22 -28.21 -7.21
CA ASN A 186 5.88 -28.15 -7.75
C ASN A 186 5.96 -27.83 -9.25
N TYR A 187 6.61 -26.72 -9.58
CA TYR A 187 6.93 -26.43 -10.97
C TYR A 187 8.34 -26.92 -11.28
N ILE A 188 8.44 -28.03 -11.99
CA ILE A 188 9.72 -28.51 -12.49
C ILE A 188 10.21 -27.60 -13.63
N ALA A 189 11.35 -26.95 -13.42
CA ALA A 189 11.95 -26.16 -14.49
C ALA A 189 12.52 -27.12 -15.54
N PRO A 190 12.56 -26.71 -16.82
CA PRO A 190 13.05 -27.66 -17.82
C PRO A 190 14.50 -28.13 -17.58
N GLU A 191 15.31 -27.32 -16.90
CA GLU A 191 16.70 -27.70 -16.66
C GLU A 191 16.82 -28.73 -15.55
N VAL A 192 15.81 -28.78 -14.68
CA VAL A 192 15.78 -29.80 -13.67
C VAL A 192 15.48 -31.12 -14.38
N LEU A 193 14.64 -31.09 -15.40
CA LEU A 193 14.33 -32.31 -16.18
C LEU A 193 15.56 -32.82 -16.90
N SER A 194 16.41 -31.89 -17.34
CA SER A 194 17.63 -32.21 -18.07
C SER A 194 18.77 -32.63 -17.15
N LYS A 195 19.91 -32.94 -17.77
CA LYS A 195 21.06 -33.47 -17.04
C LYS A 195 22.11 -32.39 -16.78
N LYS A 196 21.78 -31.16 -17.16
CA LYS A 196 22.74 -30.06 -17.18
C LYS A 196 22.89 -29.30 -15.85
N GLY A 197 22.02 -29.59 -14.88
CA GLY A 197 22.08 -28.95 -13.56
C GLY A 197 21.30 -27.65 -13.56
N HIS A 198 21.29 -26.96 -12.43
CA HIS A 198 20.48 -25.76 -12.31
C HIS A 198 21.09 -24.79 -11.34
N SER A 199 20.58 -23.56 -11.41
CA SER A 199 21.00 -22.48 -10.53
C SER A 199 19.79 -21.56 -10.27
N PHE A 200 20.09 -20.28 -9.99
CA PHE A 200 19.10 -19.29 -9.59
C PHE A 200 17.92 -19.17 -10.53
N GLU A 201 18.14 -19.45 -11.81
CA GLU A 201 17.09 -19.30 -12.82
C GLU A 201 15.87 -20.18 -12.61
N VAL A 202 15.96 -21.22 -11.78
CA VAL A 202 14.76 -22.04 -11.51
C VAL A 202 13.66 -21.26 -10.80
N ASP A 203 14.07 -20.31 -9.94
CA ASP A 203 13.13 -19.49 -9.20
C ASP A 203 12.41 -18.51 -10.12
N VAL A 204 13.11 -18.05 -11.16
CA VAL A 204 12.51 -17.20 -12.18
C VAL A 204 11.47 -17.99 -13.00
N TRP A 205 11.78 -19.25 -13.30
CA TRP A 205 10.83 -20.12 -14.00
C TRP A 205 9.53 -20.26 -13.19
N SER A 206 9.70 -20.57 -11.90
CA SER A 206 8.53 -20.78 -11.03
C SER A 206 7.75 -19.47 -10.83
N ILE A 207 8.45 -18.33 -10.79
CA ILE A 207 7.73 -17.05 -10.75
C ILE A 207 6.93 -16.84 -12.03
N GLY A 208 7.50 -17.24 -13.18
CA GLY A 208 6.75 -17.27 -14.46
C GLY A 208 5.45 -18.08 -14.41
N CYS A 209 5.54 -19.28 -13.84
CA CYS A 209 4.39 -20.16 -13.70
C CYS A 209 3.33 -19.57 -12.78
N ILE A 210 3.79 -19.02 -11.67
CA ILE A 210 2.94 -18.28 -10.74
C ILE A 210 2.29 -17.09 -11.43
N MET A 211 3.08 -16.26 -12.10
CA MET A 211 2.51 -15.12 -12.81
C MET A 211 1.43 -15.57 -13.79
N TYR A 212 1.71 -16.61 -14.55
CA TYR A 212 0.72 -17.17 -15.46
C TYR A 212 -0.53 -17.61 -14.69
N THR A 213 -0.35 -18.36 -13.60
CA THR A 213 -1.48 -18.85 -12.80
C THR A 213 -2.35 -17.73 -12.22
N LEU A 214 -1.74 -16.67 -11.73
CA LEU A 214 -2.48 -15.53 -11.18
C LEU A 214 -3.29 -14.78 -12.24
N LEU A 215 -2.70 -14.63 -13.42
CA LEU A 215 -3.34 -13.87 -14.49
C LEU A 215 -4.35 -14.70 -15.31
N VAL A 216 -4.04 -15.98 -15.55
CA VAL A 216 -4.87 -16.85 -16.39
C VAL A 216 -5.92 -17.64 -15.58
N GLY A 217 -5.57 -18.03 -14.36
CA GLY A 217 -6.51 -18.76 -13.51
C GLY A 217 -6.29 -20.26 -13.50
N LYS A 218 -5.32 -20.69 -14.31
CA LYS A 218 -4.86 -22.07 -14.35
C LYS A 218 -3.35 -22.15 -14.67
N PRO A 219 -2.70 -23.27 -14.28
CA PRO A 219 -1.25 -23.42 -14.48
C PRO A 219 -0.87 -23.56 -15.96
N PRO A 220 0.35 -23.12 -16.32
CA PRO A 220 0.78 -23.14 -17.74
C PRO A 220 0.96 -24.51 -18.41
N PHE A 221 1.46 -25.51 -17.70
CA PHE A 221 1.84 -26.77 -18.38
C PHE A 221 1.03 -27.97 -17.96
N GLU A 222 0.49 -27.93 -16.74
CA GLU A 222 -0.10 -29.09 -16.11
C GLU A 222 -1.26 -29.66 -16.90
N THR A 223 -1.13 -30.92 -17.26
CA THR A 223 -2.22 -31.68 -17.85
C THR A 223 -2.57 -32.80 -16.89
N SER A 224 -3.46 -33.69 -17.33
CA SER A 224 -3.97 -34.80 -16.53
C SER A 224 -2.95 -35.93 -16.38
N CYS A 225 -1.99 -36.02 -17.28
CA CYS A 225 -0.96 -37.04 -17.17
C CYS A 225 0.42 -36.41 -17.08
N LEU A 226 1.27 -36.95 -16.22
CA LEU A 226 2.57 -36.31 -15.90
C LEU A 226 3.57 -36.33 -17.05
N LYS A 227 3.53 -37.41 -17.84
CA LYS A 227 4.38 -37.58 -19.03
C LYS A 227 4.14 -36.45 -20.05
N GLU A 228 2.87 -36.20 -20.37
CA GLU A 228 2.51 -35.11 -21.28
CA GLU A 228 2.44 -35.10 -21.26
C GLU A 228 2.88 -33.75 -20.71
N THR A 229 2.65 -33.55 -19.41
CA THR A 229 3.08 -32.32 -18.74
C THR A 229 4.58 -32.07 -18.89
N TYR A 230 5.40 -33.05 -18.56
CA TYR A 230 6.86 -32.89 -18.59
C TYR A 230 7.34 -32.65 -20.02
N LEU A 231 6.65 -33.28 -20.96
CA LEU A 231 7.00 -33.16 -22.36
C LEU A 231 6.77 -31.72 -22.85
N ARG A 232 5.63 -31.16 -22.48
CA ARG A 232 5.30 -29.76 -22.79
C ARG A 232 6.30 -28.81 -22.13
N ILE A 233 6.66 -29.05 -20.88
CA ILE A 233 7.74 -28.30 -20.23
C ILE A 233 9.03 -28.33 -21.06
N LYS A 234 9.46 -29.54 -21.43
CA LYS A 234 10.66 -29.75 -22.24
C LYS A 234 10.62 -29.00 -23.58
N LYS A 235 9.42 -28.97 -24.17
CA LYS A 235 9.22 -28.40 -25.50
C LYS A 235 8.78 -26.93 -25.47
N ASN A 236 8.70 -26.35 -24.27
CA ASN A 236 8.19 -24.99 -24.07
C ASN A 236 6.78 -24.77 -24.66
N GLU A 237 5.94 -25.80 -24.63
CA GLU A 237 4.56 -25.71 -25.16
C GLU A 237 3.57 -25.21 -24.11
N TYR A 238 3.13 -23.98 -24.31
CA TYR A 238 2.10 -23.37 -23.49
C TYR A 238 1.52 -22.22 -24.28
N SER A 239 0.37 -21.76 -23.83
CA SER A 239 -0.40 -20.76 -24.57
C SER A 239 -0.94 -19.71 -23.60
N ILE A 240 -0.67 -18.44 -23.91
CA ILE A 240 -1.12 -17.32 -23.10
C ILE A 240 -2.38 -16.81 -23.74
N PRO A 241 -3.52 -16.84 -23.02
CA PRO A 241 -4.74 -16.38 -23.70
C PRO A 241 -4.66 -14.90 -24.10
N LYS A 242 -5.40 -14.54 -25.14
CA LYS A 242 -5.34 -13.22 -25.75
C LYS A 242 -5.84 -12.08 -24.87
N HIS A 243 -6.66 -12.37 -23.87
CA HIS A 243 -7.16 -11.29 -23.01
C HIS A 243 -6.07 -10.84 -22.03
N ILE A 244 -4.93 -11.51 -22.03
CA ILE A 244 -3.82 -11.09 -21.19
C ILE A 244 -3.17 -9.88 -21.87
N ASN A 245 -2.89 -8.84 -21.10
CA ASN A 245 -2.27 -7.63 -21.62
C ASN A 245 -0.83 -7.85 -22.11
N PRO A 246 -0.45 -7.20 -23.22
CA PRO A 246 0.83 -7.35 -23.93
C PRO A 246 2.08 -7.32 -23.06
N VAL A 247 2.17 -6.36 -22.14
CA VAL A 247 3.33 -6.23 -21.24
C VAL A 247 3.42 -7.44 -20.33
N ALA A 248 2.31 -7.82 -19.72
CA ALA A 248 2.28 -9.00 -18.87
C ALA A 248 2.54 -10.26 -19.70
N ALA A 249 1.80 -10.43 -20.80
CA ALA A 249 2.04 -11.56 -21.72
C ALA A 249 3.51 -11.69 -22.10
N SER A 250 4.15 -10.56 -22.40
CA SER A 250 5.55 -10.55 -22.81
C SER A 250 6.53 -10.92 -21.68
N LEU A 251 6.19 -10.57 -20.44
CA LEU A 251 7.03 -10.88 -19.31
C LEU A 251 6.92 -12.38 -18.93
N ILE A 252 5.72 -12.92 -19.00
CA ILE A 252 5.57 -14.36 -18.85
C ILE A 252 6.51 -15.11 -19.84
N GLN A 253 6.53 -14.66 -21.09
CA GLN A 253 7.36 -15.28 -22.13
C GLN A 253 8.85 -15.22 -21.84
N LYS A 254 9.31 -14.09 -21.30
CA LYS A 254 10.71 -13.92 -20.90
C LYS A 254 11.12 -14.96 -19.83
N MET A 255 10.23 -15.21 -18.89
CA MET A 255 10.50 -16.14 -17.80
C MET A 255 10.36 -17.58 -18.23
N LEU A 256 9.35 -17.86 -19.06
CA LEU A 256 9.07 -19.22 -19.47
C LEU A 256 9.74 -19.50 -20.80
N GLN A 257 11.06 -19.58 -20.72
CA GLN A 257 11.93 -19.99 -21.79
C GLN A 257 12.74 -21.18 -21.32
N THR A 258 12.96 -22.10 -22.25
CA THR A 258 13.73 -23.30 -22.01
C THR A 258 15.17 -23.01 -21.54
N ASP A 259 15.89 -22.15 -22.27
CA ASP A 259 17.26 -21.78 -21.92
C ASP A 259 17.29 -20.91 -20.65
N PRO A 260 17.87 -21.43 -19.54
CA PRO A 260 17.85 -20.64 -18.30
C PRO A 260 18.52 -19.27 -18.45
N THR A 261 19.55 -19.21 -19.30
CA THR A 261 20.31 -17.99 -19.50
C THR A 261 19.57 -16.94 -20.33
N ALA A 262 18.44 -17.31 -20.94
CA ALA A 262 17.63 -16.36 -21.72
C ALA A 262 16.65 -15.60 -20.84
N ARG A 263 16.43 -16.08 -19.62
CA ARG A 263 15.43 -15.52 -18.72
C ARG A 263 16.01 -14.27 -18.08
N PRO A 264 15.13 -13.36 -17.61
CA PRO A 264 15.74 -12.25 -16.90
C PRO A 264 16.26 -12.70 -15.53
N THR A 265 17.31 -12.06 -15.03
CA THR A 265 17.72 -12.30 -13.65
C THR A 265 16.62 -11.76 -12.74
N ILE A 266 16.74 -12.01 -11.44
CA ILE A 266 15.70 -11.54 -10.54
C ILE A 266 15.61 -9.98 -10.53
N ASN A 267 16.76 -9.32 -10.64
CA ASN A 267 16.75 -7.87 -10.69
C ASN A 267 16.18 -7.31 -12.00
N GLU A 268 16.54 -7.93 -13.13
CA GLU A 268 15.96 -7.55 -14.41
C GLU A 268 14.44 -7.78 -14.36
N LEU A 269 14.02 -8.88 -13.74
CA LEU A 269 12.59 -9.15 -13.55
C LEU A 269 11.89 -8.02 -12.81
N LEU A 270 12.43 -7.67 -11.64
CA LEU A 270 11.92 -6.58 -10.81
C LEU A 270 11.78 -5.29 -11.61
N ASN A 271 12.75 -5.05 -12.48
CA ASN A 271 12.79 -3.83 -13.26
C ASN A 271 11.97 -3.89 -14.56
N ASP A 272 11.16 -4.92 -14.71
CA ASP A 272 10.37 -5.02 -15.92
C ASP A 272 9.36 -3.89 -16.03
N GLU A 273 9.00 -3.54 -17.26
CA GLU A 273 7.90 -2.59 -17.53
C GLU A 273 6.64 -2.95 -16.71
N PHE A 274 6.35 -4.24 -16.63
CA PHE A 274 5.17 -4.73 -15.91
C PHE A 274 5.08 -4.16 -14.49
N PHE A 275 6.22 -3.97 -13.85
CA PHE A 275 6.30 -3.49 -12.46
C PHE A 275 6.52 -1.97 -12.32
N THR A 276 7.22 -1.35 -13.27
CA THR A 276 7.58 0.08 -13.17
C THR A 276 6.49 0.97 -13.75
N SER A 277 5.65 0.37 -14.59
CA SER A 277 4.43 0.98 -15.10
C SER A 277 3.26 0.10 -14.67
N GLY A 278 2.05 0.42 -15.14
CA GLY A 278 0.87 -0.31 -14.66
C GLY A 278 0.52 0.11 -13.24
N TYR A 279 -0.72 -0.14 -12.84
CA TYR A 279 -1.22 0.25 -11.53
C TYR A 279 -0.87 -0.74 -10.42
N ILE A 280 -0.30 -0.24 -9.31
CA ILE A 280 -0.25 -1.00 -8.06
C ILE A 280 -1.10 -0.30 -7.00
N PRO A 281 -2.17 -0.94 -6.52
CA PRO A 281 -3.05 -0.35 -5.50
C PRO A 281 -2.32 -0.10 -4.19
N ALA A 282 -2.64 1.00 -3.52
CA ALA A 282 -2.12 1.27 -2.17
C ALA A 282 -2.60 0.19 -1.18
N ARG A 283 -3.86 -0.22 -1.33
CA ARG A 283 -4.47 -1.20 -0.44
C ARG A 283 -5.36 -2.16 -1.21
N LEU A 284 -5.24 -3.46 -0.94
CA LEU A 284 -6.26 -4.41 -1.39
C LEU A 284 -7.29 -4.61 -0.29
N PRO A 285 -8.58 -4.44 -0.60
CA PRO A 285 -9.59 -4.71 0.43
C PRO A 285 -9.65 -6.20 0.79
N ILE A 286 -10.09 -6.48 2.02
CA ILE A 286 -10.10 -7.87 2.52
C ILE A 286 -11.08 -8.73 1.71
N THR A 287 -12.04 -8.05 1.10
CA THR A 287 -12.98 -8.67 0.17
C THR A 287 -12.28 -9.38 -0.98
N CYS A 288 -11.04 -8.98 -1.30
CA CYS A 288 -10.29 -9.53 -2.43
CA CYS A 288 -10.30 -9.55 -2.44
C CYS A 288 -9.92 -11.00 -2.19
N LEU A 289 -10.16 -11.48 -0.97
CA LEU A 289 -9.85 -12.86 -0.69
C LEU A 289 -10.96 -13.76 -1.20
N THR A 290 -12.06 -13.15 -1.64
CA THR A 290 -13.28 -13.89 -1.96
C THR A 290 -13.91 -13.43 -3.29
N ILE A 291 -13.94 -12.12 -3.56
CA ILE A 291 -14.55 -11.58 -4.80
C ILE A 291 -13.67 -10.52 -5.46
N PRO A 292 -13.82 -10.28 -6.78
CA PRO A 292 -12.91 -9.31 -7.41
C PRO A 292 -13.12 -7.88 -6.94
N PRO A 293 -12.03 -7.11 -6.74
CA PRO A 293 -12.09 -5.67 -6.43
C PRO A 293 -12.76 -4.86 -7.53
N GLU B 9 -13.79 36.44 -11.94
CA GLU B 9 -14.61 36.63 -13.18
C GLU B 9 -14.60 35.38 -14.07
N ILE B 10 -14.29 34.23 -13.46
CA ILE B 10 -14.28 32.93 -14.13
C ILE B 10 -15.71 32.39 -14.19
N PRO B 11 -16.10 31.78 -15.33
CA PRO B 11 -17.37 31.07 -15.43
C PRO B 11 -17.59 30.12 -14.25
N GLU B 12 -18.85 29.84 -13.93
CA GLU B 12 -19.16 28.86 -12.91
C GLU B 12 -19.38 27.49 -13.54
N VAL B 13 -19.67 27.50 -14.84
CA VAL B 13 -19.60 26.30 -15.65
C VAL B 13 -18.53 26.51 -16.71
N LEU B 14 -17.70 25.50 -16.90
CA LEU B 14 -16.62 25.52 -17.88
C LEU B 14 -17.02 24.61 -19.01
N VAL B 15 -16.93 25.11 -20.24
CA VAL B 15 -17.44 24.37 -21.40
C VAL B 15 -16.40 24.24 -22.52
N ASP B 16 -16.16 22.99 -22.92
CA ASP B 16 -15.25 22.65 -24.01
C ASP B 16 -15.99 22.71 -25.35
N PRO B 17 -15.56 23.61 -26.27
CA PRO B 17 -16.20 23.76 -27.59
C PRO B 17 -16.12 22.51 -28.48
N ARG B 18 -15.04 21.75 -28.38
CA ARG B 18 -14.87 20.53 -29.18
C ARG B 18 -15.84 19.41 -28.75
N SER B 19 -15.61 18.87 -27.56
CA SER B 19 -16.40 17.77 -27.01
C SER B 19 -17.77 18.21 -26.46
N ARG B 20 -18.06 19.51 -26.60
CA ARG B 20 -19.24 20.17 -25.99
C ARG B 20 -19.63 19.58 -24.63
N ARG B 21 -18.67 19.55 -23.71
CA ARG B 21 -18.89 19.01 -22.37
C ARG B 21 -18.63 20.04 -21.27
N ARG B 22 -19.30 19.85 -20.14
CA ARG B 22 -19.44 20.89 -19.13
C ARG B 22 -18.90 20.49 -17.75
N TYR B 23 -18.09 21.38 -17.17
CA TYR B 23 -17.52 21.19 -15.84
C TYR B 23 -18.05 22.27 -14.89
N VAL B 24 -18.61 21.85 -13.77
CA VAL B 24 -19.08 22.78 -12.76
C VAL B 24 -17.92 23.12 -11.83
N ARG B 25 -17.66 24.41 -11.67
CA ARG B 25 -16.56 24.90 -10.85
C ARG B 25 -16.93 24.85 -9.37
N GLY B 26 -16.27 23.93 -8.65
CA GLY B 26 -16.47 23.76 -7.22
C GLY B 26 -15.31 24.31 -6.42
N ARG B 27 -15.01 23.65 -5.32
CA ARG B 27 -14.02 24.11 -4.33
C ARG B 27 -12.75 24.78 -4.89
N PHE B 28 -12.42 25.94 -4.34
CA PHE B 28 -11.16 26.61 -4.64
C PHE B 28 -9.97 25.92 -3.96
N LEU B 29 -8.89 25.72 -4.70
CA LEU B 29 -7.74 24.96 -4.18
C LEU B 29 -6.49 25.80 -3.91
N GLY B 30 -6.35 26.91 -4.63
CA GLY B 30 -5.23 27.83 -4.46
C GLY B 30 -4.65 28.44 -5.73
N LYS B 31 -3.81 29.46 -5.55
CA LYS B 31 -3.10 30.14 -6.64
C LYS B 31 -1.77 29.45 -6.95
N GLY B 32 -1.46 29.27 -8.23
CA GLY B 32 -0.26 28.55 -8.62
C GLY B 32 0.48 29.23 -9.76
N GLY B 33 1.15 30.34 -9.45
CA GLY B 33 1.77 31.19 -10.46
C GLY B 33 0.71 32.08 -11.08
N PHE B 34 0.45 31.88 -12.38
CA PHE B 34 -0.57 32.67 -13.10
C PHE B 34 -1.99 32.19 -12.85
N ALA B 35 -2.12 30.96 -12.37
CA ALA B 35 -3.40 30.26 -12.39
C ALA B 35 -4.10 30.22 -11.06
N LYS B 36 -5.42 30.08 -11.14
CA LYS B 36 -6.25 29.63 -10.03
C LYS B 36 -6.61 28.17 -10.26
N CYS B 37 -6.57 27.38 -9.20
CA CYS B 37 -6.96 25.98 -9.29
C CYS B 37 -8.24 25.70 -8.53
N PHE B 38 -9.16 25.02 -9.20
CA PHE B 38 -10.43 24.65 -8.61
C PHE B 38 -10.70 23.18 -8.77
N GLU B 39 -11.41 22.60 -7.81
CA GLU B 39 -12.07 21.32 -8.04
C GLU B 39 -13.17 21.63 -9.06
N ILE B 40 -13.31 20.74 -10.05
CA ILE B 40 -14.34 20.88 -11.09
C ILE B 40 -14.96 19.51 -11.37
N SER B 41 -16.27 19.50 -11.61
CA SER B 41 -16.97 18.25 -11.86
C SER B 41 -17.75 18.23 -13.18
N ASP B 42 -17.64 17.09 -13.87
CA ASP B 42 -18.36 16.83 -15.12
C ASP B 42 -19.88 16.87 -14.93
N ALA B 43 -20.58 17.33 -15.97
CA ALA B 43 -22.01 17.63 -15.93
C ALA B 43 -22.92 16.45 -15.55
N ASP B 44 -22.73 15.31 -16.21
CA ASP B 44 -23.49 14.11 -15.90
C ASP B 44 -22.64 12.84 -15.91
N THR B 45 -21.42 12.96 -15.38
CA THR B 45 -20.62 11.79 -15.02
C THR B 45 -20.23 11.96 -13.55
N LYS B 46 -20.37 13.20 -13.08
CA LYS B 46 -20.05 13.60 -11.69
C LYS B 46 -18.56 13.44 -11.28
N GLU B 47 -17.70 13.08 -12.25
CA GLU B 47 -16.26 12.92 -12.00
C GLU B 47 -15.66 14.26 -11.57
N VAL B 48 -14.76 14.22 -10.59
CA VAL B 48 -14.15 15.45 -10.10
C VAL B 48 -12.71 15.54 -10.56
N PHE B 49 -12.32 16.71 -11.06
CA PHE B 49 -10.95 16.98 -11.51
C PHE B 49 -10.40 18.23 -10.85
N ALA B 50 -9.12 18.48 -11.07
CA ALA B 50 -8.50 19.77 -10.81
C ALA B 50 -8.58 20.56 -12.10
N GLY B 51 -9.18 21.75 -12.02
CA GLY B 51 -9.21 22.67 -13.13
C GLY B 51 -8.22 23.77 -12.81
N LYS B 52 -7.22 23.93 -13.69
CA LYS B 52 -6.22 24.97 -13.55
C LYS B 52 -6.55 26.05 -14.58
N ILE B 53 -6.83 27.26 -14.10
CA ILE B 53 -7.41 28.31 -14.94
C ILE B 53 -6.50 29.53 -15.09
N VAL B 54 -6.07 29.78 -16.33
CA VAL B 54 -5.05 30.79 -16.63
C VAL B 54 -5.65 31.89 -17.50
N PRO B 55 -5.63 33.14 -16.99
CA PRO B 55 -6.15 34.27 -17.74
C PRO B 55 -5.30 34.51 -18.97
N LYS B 56 -5.97 34.64 -20.11
CA LYS B 56 -5.31 34.96 -21.37
C LYS B 56 -4.67 36.35 -21.35
N SER B 57 -5.15 37.20 -20.44
CA SER B 57 -4.57 38.52 -20.18
C SER B 57 -3.12 38.46 -19.70
N LEU B 58 -2.76 37.37 -19.04
CA LEU B 58 -1.39 37.18 -18.56
C LEU B 58 -0.54 36.38 -19.55
N LEU B 59 -1.11 36.07 -20.71
CA LEU B 59 -0.40 35.27 -21.72
C LEU B 59 -0.10 36.09 -22.98
N LEU B 60 -0.27 37.40 -22.89
CA LEU B 60 -0.14 38.30 -24.05
C LEU B 60 1.27 38.31 -24.65
N LYS B 61 2.27 38.22 -23.78
CA LYS B 61 3.66 38.16 -24.23
C LYS B 61 3.98 36.75 -24.75
N PRO B 62 4.35 36.66 -26.05
CA PRO B 62 4.61 35.42 -26.80
C PRO B 62 5.49 34.39 -26.09
N HIS B 63 6.46 34.87 -25.29
CA HIS B 63 7.27 33.97 -24.46
C HIS B 63 6.41 33.20 -23.47
N GLN B 64 5.48 33.90 -22.80
CA GLN B 64 4.58 33.25 -21.86
C GLN B 64 3.53 32.35 -22.54
N ARG B 65 3.09 32.73 -23.72
CA ARG B 65 2.19 31.88 -24.50
C ARG B 65 2.91 30.59 -24.91
N GLU B 66 4.19 30.72 -25.27
CA GLU B 66 5.00 29.57 -25.68
C GLU B 66 5.38 28.63 -24.53
N LYS B 67 5.54 29.15 -23.32
CA LYS B 67 5.82 28.30 -22.15
C LYS B 67 4.57 27.50 -21.78
N MET B 68 3.41 28.15 -21.87
CA MET B 68 2.11 27.53 -21.56
C MET B 68 1.79 26.39 -22.54
N SER B 69 2.08 26.59 -23.82
CA SER B 69 1.81 25.57 -24.82
C SER B 69 2.79 24.39 -24.75
N MET B 70 4.03 24.69 -24.36
CA MET B 70 5.07 23.69 -24.16
C MET B 70 4.74 22.79 -22.95
N GLU B 71 4.36 23.40 -21.84
CA GLU B 71 3.87 22.70 -20.66
C GLU B 71 2.85 21.64 -21.04
N ILE B 72 1.78 22.10 -21.68
CA ILE B 72 0.64 21.29 -22.09
C ILE B 72 1.08 20.21 -23.07
N SER B 73 1.90 20.60 -24.04
CA SER B 73 2.47 19.68 -25.02
C SER B 73 3.20 18.50 -24.37
N ILE B 74 3.97 18.78 -23.32
CA ILE B 74 4.70 17.76 -22.58
C ILE B 74 3.80 16.96 -21.63
N HIS B 75 3.05 17.67 -20.78
CA HIS B 75 2.18 17.03 -19.80
C HIS B 75 1.19 16.06 -20.42
N ARG B 76 0.58 16.44 -21.54
CA ARG B 76 -0.50 15.64 -22.11
C ARG B 76 -0.08 14.30 -22.69
N SER B 77 1.21 14.18 -22.98
CA SER B 77 1.76 12.95 -23.57
C SER B 77 2.02 11.86 -22.51
N LEU B 78 1.90 12.22 -21.23
CA LEU B 78 2.34 11.39 -20.11
C LEU B 78 1.19 10.67 -19.40
N ALA B 79 1.47 9.48 -18.89
CA ALA B 79 0.47 8.68 -18.19
C ALA B 79 1.17 7.65 -17.32
N HIS B 80 1.22 7.94 -16.03
CA HIS B 80 1.89 7.10 -15.08
C HIS B 80 1.22 7.28 -13.73
N GLN B 81 1.24 6.23 -12.91
CA GLN B 81 0.64 6.27 -11.59
C GLN B 81 1.27 7.37 -10.72
N HIS B 82 2.49 7.76 -11.04
CA HIS B 82 3.15 8.75 -10.19
C HIS B 82 3.46 10.10 -10.88
N VAL B 83 2.69 10.38 -11.91
CA VAL B 83 2.66 11.67 -12.57
C VAL B 83 1.20 12.11 -12.61
N VAL B 84 0.95 13.41 -12.38
CA VAL B 84 -0.41 13.96 -12.40
C VAL B 84 -1.05 13.68 -13.76
N GLY B 85 -2.17 12.99 -13.74
CA GLY B 85 -2.90 12.69 -14.97
C GLY B 85 -3.38 13.94 -15.66
N PHE B 86 -3.28 13.94 -17.00
CA PHE B 86 -3.70 15.07 -17.82
C PHE B 86 -4.93 14.61 -18.59
N HIS B 87 -6.06 15.26 -18.34
CA HIS B 87 -7.30 14.80 -18.96
C HIS B 87 -7.80 15.66 -20.12
N GLY B 88 -7.26 16.86 -20.25
CA GLY B 88 -7.57 17.69 -21.41
C GLY B 88 -7.33 19.17 -21.17
N PHE B 89 -7.49 19.95 -22.24
CA PHE B 89 -7.50 21.40 -22.13
C PHE B 89 -8.42 22.01 -23.17
N PHE B 90 -8.86 23.23 -22.89
CA PHE B 90 -9.68 23.98 -23.82
C PHE B 90 -9.60 25.44 -23.39
N GLU B 91 -10.31 26.31 -24.09
CA GLU B 91 -10.23 27.74 -23.83
C GLU B 91 -11.49 28.45 -24.27
N ASP B 92 -11.75 29.58 -23.64
CA ASP B 92 -12.72 30.55 -24.12
C ASP B 92 -11.97 31.86 -24.46
N ASN B 93 -12.69 32.98 -24.49
CA ASN B 93 -12.08 34.27 -24.82
C ASN B 93 -11.14 34.84 -23.76
N ASP B 94 -11.22 34.32 -22.54
CA ASP B 94 -10.59 34.95 -21.39
C ASP B 94 -9.63 34.05 -20.63
N PHE B 95 -9.78 32.74 -20.79
CA PHE B 95 -9.02 31.79 -20.03
C PHE B 95 -8.61 30.58 -20.84
N VAL B 96 -7.45 30.03 -20.48
CA VAL B 96 -7.09 28.67 -20.83
C VAL B 96 -7.39 27.77 -19.63
N PHE B 97 -8.09 26.66 -19.90
CA PHE B 97 -8.52 25.72 -18.87
C PHE B 97 -7.77 24.43 -19.06
N VAL B 98 -7.15 23.96 -17.98
CA VAL B 98 -6.45 22.68 -18.01
C VAL B 98 -7.09 21.73 -17.01
N VAL B 99 -7.46 20.54 -17.51
CA VAL B 99 -8.14 19.54 -16.70
C VAL B 99 -7.16 18.45 -16.27
N LEU B 100 -6.84 18.44 -14.98
CA LEU B 100 -5.86 17.51 -14.44
C LEU B 100 -6.47 16.55 -13.42
N GLU B 101 -5.73 15.48 -13.12
CA GLU B 101 -6.03 14.56 -12.04
C GLU B 101 -6.09 15.26 -10.68
N LEU B 102 -7.13 14.98 -9.91
CA LEU B 102 -7.33 15.63 -8.60
C LEU B 102 -6.56 14.95 -7.47
N CYS B 103 -5.73 15.76 -6.82
CA CYS B 103 -4.94 15.33 -5.70
C CYS B 103 -5.40 16.14 -4.50
N ARG B 104 -6.24 15.53 -3.68
CA ARG B 104 -6.95 16.20 -2.61
C ARG B 104 -6.19 16.35 -1.28
N ARG B 105 -4.98 15.81 -1.22
CA ARG B 105 -4.20 15.90 0.00
C ARG B 105 -2.93 16.77 -0.15
N ARG B 106 -3.04 17.83 -0.93
CA ARG B 106 -1.97 18.83 -1.08
C ARG B 106 -0.68 18.22 -1.65
N SER B 107 0.45 18.55 -1.05
CA SER B 107 1.76 18.08 -1.56
C SER B 107 2.69 17.76 -0.42
N LEU B 108 3.89 17.30 -0.75
CA LEU B 108 4.88 17.01 0.26
C LEU B 108 5.37 18.26 0.98
N LEU B 109 5.17 19.45 0.40
CA LEU B 109 5.53 20.67 1.13
C LEU B 109 4.75 20.80 2.43
N GLU B 110 3.43 20.65 2.36
CA GLU B 110 2.56 20.85 3.53
C GLU B 110 2.87 19.78 4.52
N LEU B 111 3.08 18.58 4.03
CA LEU B 111 3.44 17.45 4.88
C LEU B 111 4.80 17.73 5.55
N HIS B 112 5.77 18.21 4.76
CA HIS B 112 7.10 18.57 5.31
C HIS B 112 7.03 19.65 6.39
N LYS B 113 6.22 20.68 6.13
CA LYS B 113 6.05 21.78 7.09
C LYS B 113 5.51 21.33 8.43
N ARG B 114 4.66 20.31 8.40
CA ARG B 114 4.03 19.80 9.61
C ARG B 114 4.88 18.74 10.27
N ARG B 115 5.59 17.96 9.45
CA ARG B 115 6.32 16.80 9.98
C ARG B 115 7.81 17.05 10.20
N LYS B 116 8.37 17.98 9.42
CA LYS B 116 9.85 18.08 9.28
C LYS B 116 10.41 16.71 8.91
N ALA B 117 11.44 16.24 9.61
CA ALA B 117 12.07 14.96 9.25
C ALA B 117 11.08 13.81 9.43
N LEU B 118 10.93 13.03 8.35
CA LEU B 118 10.11 11.81 8.38
C LEU B 118 10.89 10.64 8.93
N THR B 119 10.18 9.57 9.30
CA THR B 119 10.88 8.33 9.62
C THR B 119 11.40 7.75 8.30
N GLU B 120 12.50 7.00 8.39
CA GLU B 120 13.12 6.44 7.20
C GLU B 120 12.17 5.60 6.33
N PRO B 121 11.35 4.72 6.94
CA PRO B 121 10.42 3.97 6.08
C PRO B 121 9.46 4.86 5.26
N GLU B 122 8.97 5.94 5.85
CA GLU B 122 8.10 6.91 5.16
C GLU B 122 8.86 7.61 4.04
N ALA B 123 10.12 7.98 4.31
CA ALA B 123 10.97 8.60 3.30
C ALA B 123 11.16 7.66 2.13
N ARG B 124 11.46 6.39 2.41
CA ARG B 124 11.68 5.47 1.30
C ARG B 124 10.41 5.16 0.53
N TYR B 125 9.28 5.15 1.23
CA TYR B 125 7.99 5.06 0.59
C TYR B 125 7.79 6.15 -0.46
N TYR B 126 7.94 7.42 -0.08
CA TYR B 126 7.73 8.51 -1.02
C TYR B 126 8.79 8.58 -2.11
N LEU B 127 10.05 8.36 -1.73
CA LEU B 127 11.19 8.42 -2.64
C LEU B 127 11.11 7.35 -3.71
N ARG B 128 10.68 6.14 -3.36
CA ARG B 128 10.44 5.14 -4.40
C ARG B 128 9.41 5.58 -5.44
N GLN B 129 8.30 6.16 -4.99
CA GLN B 129 7.27 6.65 -5.93
C GLN B 129 7.78 7.81 -6.78
N ILE B 130 8.55 8.71 -6.16
CA ILE B 130 9.11 9.86 -6.87
C ILE B 130 10.08 9.36 -7.93
N VAL B 131 10.90 8.38 -7.57
CA VAL B 131 11.87 7.83 -8.51
C VAL B 131 11.20 7.04 -9.66
N LEU B 132 10.17 6.26 -9.34
CA LEU B 132 9.42 5.53 -10.35
C LEU B 132 8.77 6.50 -11.35
N GLY B 133 8.18 7.56 -10.81
CA GLY B 133 7.56 8.63 -11.63
C GLY B 133 8.61 9.31 -12.49
N CYS B 134 9.74 9.65 -11.87
CA CYS B 134 10.78 10.35 -12.59
C CYS B 134 11.46 9.47 -13.67
N GLN B 135 11.57 8.17 -13.38
CA GLN B 135 12.10 7.22 -14.35
C GLN B 135 11.21 7.16 -15.59
N TYR B 136 9.90 7.16 -15.37
CA TYR B 136 8.97 7.17 -16.47
C TYR B 136 9.23 8.42 -17.32
N LEU B 137 9.42 9.57 -16.67
CA LEU B 137 9.74 10.82 -17.37
C LEU B 137 10.98 10.70 -18.25
N HIS B 138 12.07 10.23 -17.68
CA HIS B 138 13.34 10.13 -18.38
C HIS B 138 13.28 9.19 -19.58
N ARG B 139 12.59 8.07 -19.41
CA ARG B 139 12.42 7.07 -20.48
C ARG B 139 11.55 7.62 -21.60
N ASN B 140 10.71 8.58 -21.26
CA ASN B 140 9.93 9.29 -22.26
C ASN B 140 10.62 10.59 -22.74
N ARG B 141 11.91 10.72 -22.40
CA ARG B 141 12.79 11.80 -22.87
C ARG B 141 12.44 13.19 -22.34
N VAL B 142 11.80 13.20 -21.17
CA VAL B 142 11.39 14.43 -20.51
C VAL B 142 12.29 14.68 -19.30
N ILE B 143 12.86 15.88 -19.22
CA ILE B 143 13.48 16.34 -17.96
C ILE B 143 12.50 17.30 -17.28
N HIS B 144 12.18 17.06 -16.01
CA HIS B 144 11.23 17.92 -15.30
C HIS B 144 11.87 19.26 -14.95
N ARG B 145 13.02 19.20 -14.27
CA ARG B 145 13.87 20.37 -14.02
C ARG B 145 13.44 21.26 -12.86
N ASP B 146 12.35 20.89 -12.18
CA ASP B 146 11.85 21.66 -11.04
C ASP B 146 11.16 20.76 -10.03
N LEU B 147 11.74 19.58 -9.83
CA LEU B 147 11.27 18.71 -8.77
C LEU B 147 11.49 19.36 -7.40
N LYS B 148 10.42 19.40 -6.60
CA LYS B 148 10.48 19.99 -5.27
C LYS B 148 9.23 19.53 -4.52
N LEU B 149 9.19 19.81 -3.22
CA LEU B 149 8.13 19.25 -2.37
C LEU B 149 6.75 19.72 -2.80
N GLY B 150 6.65 21.01 -3.11
CA GLY B 150 5.44 21.65 -3.57
C GLY B 150 4.84 21.11 -4.86
N ASN B 151 5.60 20.39 -5.67
CA ASN B 151 4.96 19.82 -6.86
C ASN B 151 4.97 18.31 -6.86
N LEU B 152 5.11 17.77 -5.66
CA LEU B 152 4.92 16.35 -5.38
C LEU B 152 3.58 16.23 -4.67
N PHE B 153 2.52 16.10 -5.46
CA PHE B 153 1.16 16.19 -4.95
C PHE B 153 0.69 14.85 -4.38
N LEU B 154 -0.24 14.91 -3.42
CA LEU B 154 -0.77 13.70 -2.81
C LEU B 154 -2.23 13.55 -3.11
N ASN B 155 -2.62 12.34 -3.52
CA ASN B 155 -4.04 12.06 -3.66
C ASN B 155 -4.57 11.53 -2.33
N GLU B 156 -5.82 11.11 -2.32
CA GLU B 156 -6.45 10.60 -1.10
C GLU B 156 -5.84 9.32 -0.54
N ASP B 157 -5.18 8.54 -1.41
CA ASP B 157 -4.44 7.35 -0.96
C ASP B 157 -3.07 7.74 -0.45
N LEU B 158 -2.73 9.03 -0.59
CA LEU B 158 -1.46 9.61 -0.15
C LEU B 158 -0.31 9.10 -1.01
N GLU B 159 -0.62 8.81 -2.27
CA GLU B 159 0.38 8.49 -3.28
C GLU B 159 0.88 9.79 -3.88
N VAL B 160 2.18 9.87 -4.17
CA VAL B 160 2.70 11.05 -4.83
CA VAL B 160 2.80 11.01 -4.84
C VAL B 160 2.43 11.03 -6.32
N LYS B 161 2.20 12.22 -6.85
CA LYS B 161 2.06 12.45 -8.27
C LYS B 161 2.90 13.67 -8.58
N ILE B 162 3.87 13.49 -9.47
CA ILE B 162 4.67 14.58 -9.98
C ILE B 162 3.83 15.46 -10.92
N GLY B 163 3.77 16.75 -10.62
CA GLY B 163 3.07 17.69 -11.49
C GLY B 163 3.91 18.92 -11.80
N ASP B 164 3.26 19.94 -12.35
CA ASP B 164 3.89 21.23 -12.66
C ASP B 164 5.04 21.12 -13.67
N PHE B 165 4.68 20.98 -14.94
CA PHE B 165 5.67 20.77 -15.99
C PHE B 165 6.11 22.08 -16.64
N GLY B 166 6.11 23.15 -15.84
CA GLY B 166 6.41 24.51 -16.32
C GLY B 166 7.83 24.76 -16.77
N LEU B 167 8.77 23.98 -16.23
CA LEU B 167 10.17 24.05 -16.65
C LEU B 167 10.59 22.79 -17.39
N ALA B 168 9.64 21.87 -17.58
CA ALA B 168 9.94 20.62 -18.29
C ALA B 168 10.48 20.87 -19.69
N THR B 169 11.41 20.01 -20.11
CA THR B 169 11.89 20.03 -21.49
C THR B 169 11.93 18.61 -22.07
N LYS B 170 11.81 18.51 -23.38
CA LYS B 170 11.86 17.23 -24.05
C LYS B 170 13.18 17.11 -24.81
N VAL B 171 13.91 16.02 -24.55
CA VAL B 171 15.16 15.71 -25.23
C VAL B 171 14.85 15.07 -26.60
N GLU B 172 15.36 15.67 -27.68
CA GLU B 172 14.97 15.26 -29.03
C GLU B 172 15.89 14.24 -29.65
N TYR B 173 17.06 14.04 -29.06
CA TYR B 173 18.02 13.05 -29.55
C TYR B 173 19.05 12.78 -28.48
N ASP B 174 19.78 11.69 -28.63
CA ASP B 174 20.75 11.26 -27.62
C ASP B 174 21.92 12.21 -27.45
N GLY B 175 22.18 12.54 -26.18
CA GLY B 175 23.26 13.46 -25.82
C GLY B 175 22.96 14.91 -26.13
N GLU B 176 21.71 15.24 -26.42
CA GLU B 176 21.31 16.64 -26.59
C GLU B 176 21.54 17.37 -25.28
N ARG B 177 22.29 18.47 -25.36
CA ARG B 177 22.62 19.27 -24.20
C ARG B 177 21.73 20.51 -24.13
N LYS B 178 21.07 20.63 -22.98
CA LYS B 178 20.02 21.58 -22.74
C LYS B 178 20.57 22.82 -22.06
N LYS B 179 19.97 23.97 -22.31
CA LYS B 179 20.42 25.20 -21.65
C LYS B 179 19.29 26.09 -21.15
N THR B 180 18.53 26.65 -22.10
CA THR B 180 17.46 27.60 -21.81
C THR B 180 16.48 27.11 -20.74
N LEU B 181 16.30 27.95 -19.72
CA LEU B 181 15.31 27.80 -18.66
C LEU B 181 14.53 29.11 -18.56
N CYS B 182 13.21 29.00 -18.47
CA CYS B 182 12.33 30.16 -18.42
C CYS B 182 12.07 30.58 -16.96
N GLY B 183 12.80 29.98 -16.03
CA GLY B 183 12.65 30.28 -14.61
C GLY B 183 13.75 29.64 -13.80
N THR B 184 13.74 29.88 -12.50
CA THR B 184 14.76 29.32 -11.63
C THR B 184 14.21 28.09 -10.87
N PRO B 185 14.80 26.91 -11.12
CA PRO B 185 14.52 25.71 -10.31
C PRO B 185 14.71 25.94 -8.83
N ASN B 186 13.88 25.29 -8.02
CA ASN B 186 14.03 25.35 -6.58
C ASN B 186 15.36 24.75 -6.13
N TYR B 187 15.62 23.52 -6.55
CA TYR B 187 16.85 22.82 -6.20
C TYR B 187 17.75 22.85 -7.42
N ILE B 188 18.53 23.92 -7.50
CA ILE B 188 19.29 24.22 -8.66
C ILE B 188 20.61 23.45 -8.72
N ALA B 189 20.69 22.50 -9.66
CA ALA B 189 21.88 21.69 -9.88
C ALA B 189 23.05 22.60 -10.23
N PRO B 190 24.25 22.26 -9.74
CA PRO B 190 25.44 23.08 -9.98
C PRO B 190 25.71 23.40 -11.46
N GLU B 191 25.40 22.47 -12.36
CA GLU B 191 25.70 22.68 -13.78
C GLU B 191 24.77 23.74 -14.40
N VAL B 192 23.61 23.91 -13.79
CA VAL B 192 22.65 24.92 -14.21
C VAL B 192 23.17 26.29 -13.78
N LEU B 193 23.85 26.31 -12.63
CA LEU B 193 24.51 27.54 -12.16
C LEU B 193 25.76 27.89 -12.95
N SER B 194 26.29 26.96 -13.73
CA SER B 194 27.49 27.23 -14.52
C SER B 194 27.18 27.62 -15.97
N LYS B 195 28.25 27.84 -16.73
CA LYS B 195 28.16 28.09 -18.18
C LYS B 195 27.87 26.83 -19.01
N LYS B 196 28.01 25.65 -18.39
CA LYS B 196 27.75 24.38 -19.05
C LYS B 196 26.25 24.13 -19.26
N GLY B 197 25.93 23.14 -20.08
CA GLY B 197 24.55 22.75 -20.34
C GLY B 197 24.16 21.66 -19.37
N HIS B 198 22.97 21.10 -19.55
CA HIS B 198 22.48 20.10 -18.61
C HIS B 198 21.62 19.07 -19.32
N SER B 199 21.25 18.04 -18.56
CA SER B 199 20.48 16.94 -19.09
C SER B 199 19.75 16.31 -17.91
N PHE B 200 19.44 15.02 -18.02
CA PHE B 200 18.59 14.33 -17.04
C PHE B 200 19.11 14.40 -15.61
N GLU B 201 20.42 14.55 -15.47
CA GLU B 201 21.06 14.48 -14.16
C GLU B 201 20.58 15.58 -13.20
N VAL B 202 20.07 16.70 -13.74
CA VAL B 202 19.46 17.75 -12.89
C VAL B 202 18.31 17.23 -12.00
N ASP B 203 17.52 16.28 -12.50
CA ASP B 203 16.42 15.70 -11.72
C ASP B 203 16.95 14.81 -10.61
N VAL B 204 18.06 14.13 -10.86
CA VAL B 204 18.68 13.28 -9.85
C VAL B 204 19.23 14.14 -8.72
N TRP B 205 19.85 15.26 -9.08
CA TRP B 205 20.30 16.26 -8.11
C TRP B 205 19.12 16.69 -7.21
N SER B 206 17.98 17.01 -7.83
CA SER B 206 16.78 17.47 -7.11
C SER B 206 16.25 16.38 -6.19
N ILE B 207 16.19 15.16 -6.70
CA ILE B 207 15.77 14.03 -5.86
C ILE B 207 16.68 13.87 -4.65
N GLY B 208 17.98 14.08 -4.86
CA GLY B 208 18.93 14.09 -3.75
C GLY B 208 18.59 15.14 -2.70
N CYS B 209 18.30 16.37 -3.15
CA CYS B 209 17.90 17.44 -2.22
C CYS B 209 16.61 17.10 -1.46
N ILE B 210 15.64 16.53 -2.18
CA ILE B 210 14.39 16.11 -1.58
C ILE B 210 14.64 15.01 -0.55
N MET B 211 15.48 14.04 -0.92
CA MET B 211 15.77 12.94 -0.02
C MET B 211 16.39 13.46 1.29
N TYR B 212 17.34 14.39 1.15
CA TYR B 212 17.95 15.05 2.30
C TYR B 212 16.91 15.76 3.18
N THR B 213 16.08 16.59 2.57
CA THR B 213 15.05 17.33 3.29
C THR B 213 14.10 16.40 4.04
N LEU B 214 13.64 15.33 3.38
CA LEU B 214 12.78 14.33 4.05
C LEU B 214 13.40 13.64 5.26
N LEU B 215 14.68 13.30 5.14
CA LEU B 215 15.37 12.58 6.19
C LEU B 215 15.90 13.49 7.29
N VAL B 216 16.35 14.68 6.88
CA VAL B 216 17.04 15.59 7.80
C VAL B 216 16.07 16.61 8.39
N GLY B 217 15.11 17.07 7.58
CA GLY B 217 14.08 17.99 8.05
C GLY B 217 14.30 19.39 7.56
N LYS B 218 15.44 19.60 6.91
CA LYS B 218 15.86 20.90 6.40
C LYS B 218 16.52 20.68 5.05
N PRO B 219 16.49 21.70 4.17
CA PRO B 219 17.18 21.63 2.87
C PRO B 219 18.70 21.56 3.05
N PRO B 220 19.40 20.88 2.14
CA PRO B 220 20.85 20.72 2.30
C PRO B 220 21.65 22.02 2.16
N PHE B 221 21.18 22.94 1.32
CA PHE B 221 22.02 24.13 1.02
C PHE B 221 21.42 25.47 1.52
N GLU B 222 20.29 25.39 2.20
CA GLU B 222 19.56 26.58 2.62
C GLU B 222 20.39 27.46 3.53
N THR B 223 20.39 28.76 3.23
CA THR B 223 21.01 29.78 4.06
C THR B 223 20.04 30.95 4.18
N SER B 224 20.46 32.01 4.86
CA SER B 224 19.67 33.24 4.96
C SER B 224 19.71 34.03 3.65
N CYS B 225 20.65 33.67 2.78
CA CYS B 225 20.84 34.40 1.53
C CYS B 225 20.97 33.50 0.30
N LEU B 226 19.97 33.59 -0.58
CA LEU B 226 19.93 32.85 -1.85
C LEU B 226 21.27 32.86 -2.63
N LYS B 227 22.05 33.93 -2.48
CA LYS B 227 23.38 33.98 -3.12
C LYS B 227 24.40 33.09 -2.42
N GLU B 228 24.43 33.14 -1.08
CA GLU B 228 25.30 32.27 -0.27
C GLU B 228 24.99 30.78 -0.53
N THR B 229 23.70 30.49 -0.71
CA THR B 229 23.19 29.20 -1.10
C THR B 229 23.77 28.75 -2.44
N TYR B 230 23.78 29.66 -3.41
CA TYR B 230 24.32 29.37 -4.75
C TYR B 230 25.79 28.99 -4.66
N LEU B 231 26.54 29.67 -3.80
CA LEU B 231 27.96 29.39 -3.55
C LEU B 231 28.20 27.97 -3.01
N ARG B 232 27.38 27.56 -2.05
CA ARG B 232 27.50 26.25 -1.42
C ARG B 232 27.19 25.12 -2.40
N ILE B 233 26.23 25.36 -3.27
CA ILE B 233 25.84 24.39 -4.29
C ILE B 233 27.03 24.20 -5.22
N LYS B 234 27.61 25.33 -5.63
CA LYS B 234 28.78 25.33 -6.49
C LYS B 234 29.96 24.61 -5.85
N LYS B 235 30.14 24.77 -4.53
CA LYS B 235 31.25 24.16 -3.80
C LYS B 235 30.92 22.76 -3.24
N ASN B 236 29.70 22.30 -3.48
CA ASN B 236 29.22 21.03 -2.93
C ASN B 236 29.39 20.96 -1.41
N GLU B 237 29.15 22.12 -0.76
CA GLU B 237 29.19 22.23 0.70
C GLU B 237 27.83 22.02 1.34
N TYR B 238 27.66 20.83 1.90
CA TYR B 238 26.52 20.48 2.72
C TYR B 238 27.05 19.45 3.72
N SER B 239 26.25 19.15 4.74
CA SER B 239 26.67 18.26 5.80
C SER B 239 25.48 17.36 6.16
N ILE B 240 25.70 16.04 6.18
CA ILE B 240 24.66 15.11 6.60
C ILE B 240 24.87 14.82 8.08
N PRO B 241 23.85 15.09 8.92
CA PRO B 241 24.01 14.79 10.35
C PRO B 241 24.27 13.31 10.63
N LYS B 242 25.02 13.04 11.70
CA LYS B 242 25.46 11.70 12.09
C LYS B 242 24.34 10.70 12.40
N HIS B 243 23.16 11.20 12.75
CA HIS B 243 22.05 10.32 13.12
C HIS B 243 21.40 9.66 11.91
N ILE B 244 21.67 10.20 10.73
CA ILE B 244 21.21 9.63 9.46
C ILE B 244 21.99 8.34 9.22
N ASN B 245 21.26 7.29 8.88
CA ASN B 245 21.84 5.97 8.73
C ASN B 245 22.81 5.92 7.53
N PRO B 246 23.89 5.14 7.62
CA PRO B 246 24.91 5.18 6.57
C PRO B 246 24.43 4.91 5.14
N VAL B 247 23.51 3.96 4.95
CA VAL B 247 23.06 3.64 3.58
C VAL B 247 22.32 4.83 2.94
N ALA B 248 21.49 5.51 3.74
CA ALA B 248 20.79 6.70 3.29
C ALA B 248 21.78 7.84 2.99
N ALA B 249 22.71 8.07 3.94
CA ALA B 249 23.73 9.11 3.79
C ALA B 249 24.52 8.87 2.51
N SER B 250 24.90 7.62 2.29
CA SER B 250 25.70 7.25 1.13
C SER B 250 24.99 7.53 -0.19
N LEU B 251 23.69 7.26 -0.23
CA LEU B 251 22.88 7.54 -1.43
C LEU B 251 22.72 9.06 -1.63
N ILE B 252 22.48 9.79 -0.56
CA ILE B 252 22.46 11.26 -0.69
C ILE B 252 23.75 11.78 -1.34
N GLN B 253 24.90 11.21 -0.90
CA GLN B 253 26.20 11.65 -1.37
C GLN B 253 26.41 11.32 -2.84
N LYS B 254 25.85 10.19 -3.28
CA LYS B 254 25.90 9.80 -4.69
C LYS B 254 25.19 10.81 -5.57
N MET B 255 24.05 11.30 -5.10
CA MET B 255 23.20 12.20 -5.88
C MET B 255 23.72 13.63 -5.87
N LEU B 256 24.16 14.08 -4.69
CA LEU B 256 24.68 15.43 -4.52
C LEU B 256 26.17 15.48 -4.76
N GLN B 257 26.53 15.28 -6.02
CA GLN B 257 27.89 15.55 -6.47
C GLN B 257 27.86 16.52 -7.63
N THR B 258 28.92 17.30 -7.69
CA THR B 258 29.01 18.42 -8.63
C THR B 258 29.03 17.87 -10.04
N ASP B 259 29.77 16.78 -10.22
CA ASP B 259 29.95 16.20 -11.53
C ASP B 259 28.69 15.39 -11.90
N PRO B 260 27.91 15.87 -12.90
CA PRO B 260 26.63 15.24 -13.20
C PRO B 260 26.79 13.79 -13.65
N THR B 261 27.92 13.49 -14.32
CA THR B 261 28.17 12.14 -14.81
C THR B 261 28.53 11.17 -13.69
N ALA B 262 28.84 11.69 -12.49
CA ALA B 262 29.15 10.82 -11.38
C ALA B 262 27.89 10.37 -10.62
N ARG B 263 26.76 11.03 -10.88
CA ARG B 263 25.52 10.70 -10.18
C ARG B 263 24.93 9.38 -10.70
N PRO B 264 24.05 8.73 -9.92
CA PRO B 264 23.34 7.56 -10.44
C PRO B 264 22.37 7.99 -11.53
N THR B 265 22.11 7.14 -12.50
CA THR B 265 20.98 7.35 -13.38
C THR B 265 19.72 7.12 -12.54
N ILE B 266 18.58 7.54 -13.06
CA ILE B 266 17.34 7.33 -12.37
C ILE B 266 17.09 5.82 -12.08
N ASN B 267 17.44 4.93 -13.01
CA ASN B 267 17.31 3.49 -12.79
C ASN B 267 18.31 2.93 -11.76
N GLU B 268 19.55 3.41 -11.80
CA GLU B 268 20.52 3.06 -10.76
C GLU B 268 20.02 3.53 -9.40
N LEU B 269 19.36 4.67 -9.39
CA LEU B 269 18.84 5.24 -8.16
C LEU B 269 17.73 4.35 -7.60
N LEU B 270 16.80 3.96 -8.46
CA LEU B 270 15.70 3.09 -8.08
C LEU B 270 16.22 1.81 -7.44
N ASN B 271 17.37 1.34 -7.92
CA ASN B 271 17.91 0.07 -7.49
C ASN B 271 18.97 0.18 -6.40
N ASP B 272 19.03 1.34 -5.73
CA ASP B 272 20.01 1.53 -4.67
C ASP B 272 19.70 0.64 -3.47
N GLU B 273 20.73 0.28 -2.74
CA GLU B 273 20.64 -0.44 -1.45
C GLU B 273 19.68 0.22 -0.46
N PHE B 274 19.52 1.52 -0.58
CA PHE B 274 18.63 2.26 0.30
C PHE B 274 17.21 1.73 0.23
N PHE B 275 16.81 1.37 -0.99
CA PHE B 275 15.43 0.99 -1.22
C PHE B 275 15.21 -0.47 -0.88
N THR B 276 16.26 -1.28 -0.93
CA THR B 276 16.11 -2.72 -0.79
C THR B 276 16.47 -3.20 0.60
N SER B 277 17.10 -2.35 1.41
CA SER B 277 17.64 -2.80 2.70
C SER B 277 16.80 -2.37 3.91
N GLY B 278 15.67 -1.74 3.69
CA GLY B 278 14.81 -1.47 4.83
C GLY B 278 13.36 -1.67 4.51
N TYR B 279 12.53 -1.68 5.55
CA TYR B 279 11.08 -1.75 5.43
C TYR B 279 10.51 -0.69 4.51
N ILE B 280 9.64 -1.11 3.60
CA ILE B 280 8.81 -0.16 2.85
C ILE B 280 7.34 -0.48 3.10
N PRO B 281 6.61 0.47 3.72
CA PRO B 281 5.17 0.21 3.85
C PRO B 281 4.48 0.16 2.49
N ALA B 282 3.40 -0.61 2.44
CA ALA B 282 2.53 -0.69 1.29
C ALA B 282 1.80 0.65 1.10
N ARG B 283 1.46 1.30 2.22
CA ARG B 283 0.87 2.64 2.22
C ARG B 283 1.07 3.32 3.57
N LEU B 284 0.69 4.59 3.66
CA LEU B 284 0.81 5.35 4.90
C LEU B 284 -0.57 5.72 5.52
N PRO B 285 -0.66 5.81 6.84
CA PRO B 285 -1.94 6.19 7.45
C PRO B 285 -2.16 7.70 7.39
N ILE B 286 -3.41 8.12 7.61
CA ILE B 286 -3.81 9.52 7.41
C ILE B 286 -3.10 10.43 8.43
N THR B 287 -2.64 9.84 9.52
CA THR B 287 -1.94 10.57 10.57
C THR B 287 -0.60 11.12 10.08
N CYS B 288 -0.07 10.54 9.01
CA CYS B 288 1.29 10.86 8.55
C CYS B 288 1.40 12.30 8.09
N LEU B 289 0.26 12.94 7.84
CA LEU B 289 0.26 14.33 7.42
C LEU B 289 0.52 15.25 8.60
N THR B 290 0.40 14.75 9.83
CA THR B 290 0.45 15.64 10.97
C THR B 290 1.42 15.17 12.05
N ILE B 291 1.49 13.86 12.26
CA ILE B 291 2.29 13.30 13.35
C ILE B 291 3.03 12.06 12.86
N PRO B 292 4.11 11.66 13.58
CA PRO B 292 4.80 10.38 13.32
C PRO B 292 4.01 9.13 13.74
N PRO B 293 4.22 8.01 13.02
CA PRO B 293 3.52 6.75 13.24
C PRO B 293 3.67 6.20 14.66
N SER C 12 1.62 38.22 17.64
CA SER C 12 2.18 37.37 16.54
C SER C 12 3.37 36.54 17.01
N ASP C 13 4.25 37.15 17.82
CA ASP C 13 5.34 36.41 18.44
C ASP C 13 4.78 35.56 19.58
N LEU C 14 3.81 36.11 20.31
CA LEU C 14 3.10 35.37 21.35
C LEU C 14 2.24 34.26 20.75
N GLY C 15 1.61 34.55 19.61
CA GLY C 15 0.88 33.54 18.85
C GLY C 15 1.77 32.37 18.55
N LYS C 16 2.96 32.64 18.02
CA LYS C 16 3.92 31.59 17.68
C LYS C 16 4.30 30.79 18.91
N LYS C 17 4.54 31.49 20.02
CA LYS C 17 4.81 30.88 21.31
C LYS C 17 3.65 30.05 21.82
N LEU C 18 2.42 30.55 21.66
CA LEU C 18 1.23 29.81 22.06
C LEU C 18 1.11 28.52 21.25
N LEU C 19 1.32 28.62 19.94
CA LEU C 19 1.33 27.44 19.08
C LEU C 19 2.30 26.38 19.59
N GLU C 20 3.50 26.81 19.94
CA GLU C 20 4.57 25.91 20.37
C GLU C 20 4.23 25.32 21.73
N ALA C 21 3.73 26.17 22.62
CA ALA C 21 3.36 25.72 23.96
C ALA C 21 2.21 24.71 23.93
N ALA C 22 1.23 24.94 23.07
CA ALA C 22 0.09 24.02 22.96
C ALA C 22 0.55 22.67 22.43
N ARG C 23 1.40 22.70 21.41
CA ARG C 23 1.98 21.48 20.83
C ARG C 23 2.82 20.71 21.86
N ALA C 24 3.57 21.43 22.68
CA ALA C 24 4.50 20.77 23.59
C ALA C 24 3.85 20.33 24.90
N GLY C 25 2.58 20.67 25.07
CA GLY C 25 1.84 20.32 26.28
C GLY C 25 2.27 21.11 27.49
N GLN C 26 2.75 22.33 27.28
CA GLN C 26 3.23 23.18 28.38
C GLN C 26 2.08 23.97 28.98
N ASP C 27 1.37 23.34 29.93
CA ASP C 27 0.19 23.92 30.58
C ASP C 27 0.40 25.32 31.17
N ASP C 28 1.41 25.49 32.00
CA ASP C 28 1.66 26.78 32.63
C ASP C 28 1.98 27.88 31.62
N GLU C 29 2.84 27.58 30.64
CA GLU C 29 3.18 28.50 29.54
C GLU C 29 1.95 28.93 28.73
N VAL C 30 1.09 27.97 28.43
CA VAL C 30 -0.16 28.28 27.75
C VAL C 30 -0.97 29.32 28.52
N ARG C 31 -1.13 29.13 29.83
CA ARG C 31 -1.90 30.05 30.66
C ARG C 31 -1.24 31.44 30.75
N ILE C 32 0.08 31.44 30.94
CA ILE C 32 0.85 32.67 31.01
C ILE C 32 0.75 33.48 29.70
N LEU C 33 0.95 32.80 28.56
CA LEU C 33 0.81 33.43 27.24
C LEU C 33 -0.57 34.06 26.99
N ILE C 34 -1.63 33.34 27.39
CA ILE C 34 -3.01 33.81 27.26
C ILE C 34 -3.29 35.03 28.13
N ALA C 35 -2.70 35.03 29.32
CA ALA C 35 -2.84 36.15 30.25
C ALA C 35 -2.13 37.39 29.74
N ASN C 36 -1.09 37.19 28.92
CA ASN C 36 -0.33 38.26 28.31
C ASN C 36 -0.87 38.69 26.95
N GLY C 37 -1.98 38.09 26.55
CA GLY C 37 -2.72 38.54 25.35
C GLY C 37 -2.44 37.76 24.07
N ALA C 38 -1.97 36.53 24.18
CA ALA C 38 -1.73 35.72 22.98
C ALA C 38 -3.05 35.39 22.36
N ASP C 39 -3.09 35.44 21.02
CA ASP C 39 -4.29 35.13 20.27
C ASP C 39 -4.51 33.63 20.28
N VAL C 40 -5.55 33.19 20.97
CA VAL C 40 -5.92 31.77 21.07
C VAL C 40 -6.24 31.17 19.70
N ASN C 41 -6.45 32.02 18.71
CA ASN C 41 -6.82 31.57 17.38
C ASN C 41 -5.73 31.78 16.35
N ALA C 42 -4.50 31.96 16.85
CA ALA C 42 -3.31 32.03 16.01
C ALA C 42 -3.21 30.80 15.12
N VAL C 43 -2.58 30.97 13.96
CA VAL C 43 -2.49 29.94 12.95
C VAL C 43 -1.04 29.80 12.47
N ASP C 44 -0.58 28.54 12.32
CA ASP C 44 0.78 28.27 11.81
C ASP C 44 0.79 28.19 10.27
N ASN C 45 1.90 27.80 9.68
CA ASN C 45 2.03 27.81 8.20
C ASN C 45 1.18 26.80 7.41
N THR C 46 0.46 25.92 8.10
CA THR C 46 -0.51 25.05 7.44
C THR C 46 -1.91 25.11 8.04
N GLY C 47 -2.21 26.21 8.76
CA GLY C 47 -3.55 26.46 9.27
C GLY C 47 -3.85 25.81 10.63
N LEU C 48 -2.85 25.21 11.25
CA LEU C 48 -3.04 24.60 12.57
C LEU C 48 -3.07 25.66 13.66
N THR C 49 -4.14 25.61 14.47
CA THR C 49 -4.31 26.53 15.62
C THR C 49 -3.80 25.85 16.89
N PRO C 50 -3.65 26.60 18.00
CA PRO C 50 -3.31 25.96 19.27
C PRO C 50 -4.26 24.80 19.62
N LEU C 51 -5.53 24.93 19.25
CA LEU C 51 -6.51 23.90 19.56
C LEU C 51 -6.23 22.63 18.77
N HIS C 52 -5.93 22.76 17.48
CA HIS C 52 -5.56 21.63 16.64
C HIS C 52 -4.34 20.93 17.28
N LEU C 53 -3.38 21.74 17.71
CA LEU C 53 -2.09 21.21 18.12
C LEU C 53 -2.24 20.47 19.44
N ALA C 54 -3.03 21.03 20.35
CA ALA C 54 -3.23 20.36 21.62
C ALA C 54 -4.08 19.10 21.42
N ALA C 55 -5.09 19.21 20.56
CA ALA C 55 -5.98 18.10 20.28
C ALA C 55 -5.22 16.92 19.73
N VAL C 56 -4.41 17.16 18.69
CA VAL C 56 -3.72 16.07 17.99
C VAL C 56 -2.64 15.42 18.87
N SER C 57 -2.15 16.17 19.87
CA SER C 57 -1.07 15.70 20.74
C SER C 57 -1.61 15.15 22.06
N GLY C 58 -2.92 15.16 22.25
CA GLY C 58 -3.49 14.59 23.47
C GLY C 58 -3.42 15.45 24.73
N HIS C 59 -3.22 16.74 24.55
CA HIS C 59 -3.12 17.60 25.73
C HIS C 59 -4.52 18.09 26.13
N LEU C 60 -5.25 17.23 26.85
CA LEU C 60 -6.64 17.50 27.24
C LEU C 60 -6.85 18.83 27.97
N GLU C 61 -6.03 19.08 28.97
CA GLU C 61 -6.18 20.24 29.83
C GLU C 61 -5.97 21.56 29.09
N ILE C 62 -4.99 21.58 28.20
CA ILE C 62 -4.73 22.74 27.34
C ILE C 62 -5.89 22.98 26.36
N VAL C 63 -6.43 21.90 25.80
CA VAL C 63 -7.61 21.98 24.93
C VAL C 63 -8.74 22.72 25.64
N GLU C 64 -9.09 22.27 26.83
CA GLU C 64 -10.20 22.87 27.56
C GLU C 64 -9.93 24.33 27.98
N VAL C 65 -8.71 24.62 28.44
CA VAL C 65 -8.26 26.00 28.66
C VAL C 65 -8.48 26.89 27.42
N LEU C 66 -8.15 26.37 26.24
CA LEU C 66 -8.28 27.12 25.01
C LEU C 66 -9.73 27.32 24.65
N LEU C 67 -10.54 26.26 24.79
CA LEU C 67 -11.99 26.34 24.59
C LEU C 67 -12.66 27.44 25.43
N LYS C 68 -12.32 27.50 26.71
CA LYS C 68 -12.89 28.48 27.64
C LYS C 68 -12.51 29.92 27.31
N HIS C 69 -11.36 30.10 26.67
CA HIS C 69 -10.91 31.42 26.24
C HIS C 69 -11.32 31.75 24.80
N GLY C 70 -12.31 31.03 24.29
CA GLY C 70 -12.93 31.33 23.01
C GLY C 70 -12.20 30.89 21.74
N ALA C 71 -11.36 29.86 21.86
CA ALA C 71 -10.71 29.31 20.68
C ALA C 71 -11.81 28.77 19.78
N ASP C 72 -11.67 29.00 18.48
CA ASP C 72 -12.65 28.55 17.48
C ASP C 72 -12.61 27.05 17.31
N VAL C 73 -13.70 26.42 17.71
CA VAL C 73 -13.77 24.97 17.82
C VAL C 73 -13.75 24.25 16.45
N ASP C 74 -14.19 24.96 15.40
CA ASP C 74 -14.30 24.38 14.07
C ASP C 74 -13.33 24.98 13.08
N ALA C 75 -12.27 25.64 13.57
CA ALA C 75 -11.20 26.15 12.70
C ALA C 75 -10.68 25.00 11.86
N ALA C 76 -10.52 25.23 10.55
CA ALA C 76 -10.02 24.20 9.65
C ALA C 76 -8.62 24.53 9.16
N ASP C 77 -7.75 23.52 9.10
CA ASP C 77 -6.40 23.73 8.65
C ASP C 77 -6.39 23.58 7.12
N VAL C 78 -5.21 23.51 6.52
CA VAL C 78 -5.05 23.45 5.07
C VAL C 78 -5.65 22.20 4.40
N TYR C 79 -5.89 21.14 5.19
CA TYR C 79 -6.54 19.91 4.68
C TYR C 79 -8.04 19.95 4.93
N GLY C 80 -8.48 20.97 5.67
CA GLY C 80 -9.86 21.04 6.15
C GLY C 80 -10.12 20.31 7.46
N PHE C 81 -9.07 19.89 8.16
CA PHE C 81 -9.19 19.18 9.44
C PHE C 81 -9.57 20.17 10.55
N THR C 82 -10.62 19.83 11.31
CA THR C 82 -10.91 20.56 12.54
C THR C 82 -10.14 19.92 13.70
N PRO C 83 -10.08 20.63 14.84
CA PRO C 83 -9.50 19.94 15.99
C PRO C 83 -10.14 18.56 16.25
N LEU C 84 -11.42 18.42 15.94
CA LEU C 84 -12.21 17.19 16.14
C LEU C 84 -11.77 16.06 15.23
N HIS C 85 -11.52 16.38 13.97
CA HIS C 85 -10.87 15.47 13.02
C HIS C 85 -9.60 14.90 13.61
N LEU C 86 -8.77 15.80 14.15
CA LEU C 86 -7.46 15.38 14.61
C LEU C 86 -7.54 14.60 15.92
N ALA C 87 -8.51 14.95 16.78
CA ALA C 87 -8.72 14.17 18.02
C ALA C 87 -9.28 12.80 17.70
N ALA C 88 -10.24 12.75 16.78
CA ALA C 88 -10.83 11.49 16.36
C ALA C 88 -9.78 10.56 15.72
N MET C 89 -8.99 11.12 14.81
CA MET C 89 -7.91 10.41 14.13
C MET C 89 -6.88 9.78 15.07
N THR C 90 -6.64 10.42 16.21
CA THR C 90 -5.59 9.98 17.15
C THR C 90 -6.15 9.21 18.35
N GLY C 91 -7.48 9.08 18.42
CA GLY C 91 -8.12 8.22 19.42
C GLY C 91 -8.24 8.79 20.82
N HIS C 92 -8.26 10.12 20.92
CA HIS C 92 -8.34 10.85 22.19
C HIS C 92 -9.80 11.14 22.58
N LEU C 93 -10.41 10.19 23.30
CA LEU C 93 -11.81 10.22 23.68
C LEU C 93 -12.27 11.45 24.47
N GLU C 94 -11.57 11.76 25.54
CA GLU C 94 -11.94 12.90 26.37
C GLU C 94 -11.80 14.24 25.65
N ILE C 95 -10.88 14.31 24.68
CA ILE C 95 -10.71 15.53 23.88
C ILE C 95 -11.89 15.64 22.92
N VAL C 96 -12.25 14.51 22.31
CA VAL C 96 -13.44 14.45 21.48
C VAL C 96 -14.66 14.95 22.27
N GLU C 97 -14.83 14.47 23.51
CA GLU C 97 -15.99 14.85 24.31
C GLU C 97 -16.00 16.33 24.67
N VAL C 98 -14.84 16.89 24.99
CA VAL C 98 -14.81 18.32 25.29
C VAL C 98 -15.03 19.22 24.07
N LEU C 99 -14.55 18.80 22.91
CA LEU C 99 -14.81 19.53 21.65
C LEU C 99 -16.29 19.52 21.35
N LEU C 100 -16.92 18.36 21.49
CA LEU C 100 -18.36 18.26 21.28
C LEU C 100 -19.16 19.12 22.25
N LYS C 101 -18.75 19.11 23.51
CA LYS C 101 -19.39 19.93 24.52
C LYS C 101 -19.27 21.40 24.18
N TYR C 102 -18.14 21.81 23.62
CA TYR C 102 -17.95 23.21 23.27
C TYR C 102 -18.51 23.59 21.88
N GLY C 103 -19.27 22.67 21.28
CA GLY C 103 -20.03 22.94 20.06
C GLY C 103 -19.35 22.56 18.73
N ALA C 104 -18.27 21.78 18.79
CA ALA C 104 -17.70 21.21 17.55
C ALA C 104 -18.78 20.53 16.71
N ASP C 105 -18.70 20.74 15.39
CA ASP C 105 -19.56 20.08 14.41
C ASP C 105 -19.12 18.62 14.29
N VAL C 106 -19.92 17.71 14.82
CA VAL C 106 -19.62 16.28 14.72
C VAL C 106 -19.52 15.75 13.27
N ASN C 107 -20.15 16.46 12.33
CA ASN C 107 -20.10 16.11 10.91
C ASN C 107 -19.26 17.05 10.03
N ALA C 108 -18.31 17.74 10.64
CA ALA C 108 -17.44 18.64 9.89
C ALA C 108 -16.81 17.87 8.76
N PHE C 109 -16.74 18.47 7.56
CA PHE C 109 -16.08 17.85 6.41
C PHE C 109 -14.72 18.47 6.16
N ASP C 110 -13.72 17.63 5.90
CA ASP C 110 -12.43 18.15 5.41
C ASP C 110 -12.50 18.29 3.88
N MET C 111 -11.38 18.59 3.23
CA MET C 111 -11.36 18.82 1.77
C MET C 111 -11.66 17.56 0.95
N THR C 112 -11.73 16.40 1.58
CA THR C 112 -12.10 15.17 0.85
C THR C 112 -13.56 14.77 1.11
N GLY C 113 -14.24 15.54 1.95
CA GLY C 113 -15.60 15.19 2.40
C GLY C 113 -15.59 14.16 3.52
N SER C 114 -14.45 14.02 4.18
CA SER C 114 -14.32 13.08 5.28
C SER C 114 -14.63 13.77 6.59
N THR C 115 -15.41 13.06 7.42
CA THR C 115 -15.81 13.53 8.71
C THR C 115 -14.92 12.92 9.77
N PRO C 116 -14.98 13.43 11.01
CA PRO C 116 -14.16 12.80 12.06
C PRO C 116 -14.45 11.29 12.23
N LEU C 117 -15.67 10.89 11.92
CA LEU C 117 -16.09 9.49 11.97
C LEU C 117 -15.29 8.65 10.99
N HIS C 118 -15.13 9.15 9.76
CA HIS C 118 -14.30 8.48 8.75
C HIS C 118 -12.87 8.24 9.22
N LEU C 119 -12.27 9.28 9.77
CA LEU C 119 -10.88 9.20 10.23
C LEU C 119 -10.74 8.26 11.40
N ALA C 120 -11.68 8.31 12.35
CA ALA C 120 -11.69 7.40 13.49
C ALA C 120 -11.77 5.95 13.01
N ALA C 121 -12.71 5.68 12.11
CA ALA C 121 -12.89 4.34 11.62
C ALA C 121 -11.64 3.88 10.89
N ASP C 122 -11.07 4.77 10.09
CA ASP C 122 -9.90 4.42 9.33
C ASP C 122 -8.71 4.10 10.23
N GLU C 123 -8.59 4.80 11.35
CA GLU C 123 -7.51 4.51 12.29
C GLU C 123 -7.85 3.43 13.31
N GLY C 124 -9.02 2.79 13.15
CA GLY C 124 -9.43 1.72 14.05
C GLY C 124 -9.77 2.19 15.45
N HIS C 125 -10.09 3.48 15.61
CA HIS C 125 -10.51 4.01 16.92
C HIS C 125 -12.01 3.82 17.15
N LEU C 126 -12.38 2.57 17.45
CA LEU C 126 -13.78 2.15 17.48
C LEU C 126 -14.61 2.73 18.63
N GLU C 127 -13.95 3.03 19.76
CA GLU C 127 -14.61 3.74 20.86
C GLU C 127 -14.87 5.21 20.48
N ILE C 128 -13.98 5.83 19.71
CA ILE C 128 -14.28 7.15 19.16
C ILE C 128 -15.48 7.06 18.22
N VAL C 129 -15.51 6.03 17.36
CA VAL C 129 -16.61 5.79 16.41
C VAL C 129 -17.97 5.75 17.13
N GLU C 130 -18.09 4.92 18.16
CA GLU C 130 -19.24 4.91 19.05
C GLU C 130 -19.66 6.28 19.59
N VAL C 131 -18.70 7.01 20.15
CA VAL C 131 -18.95 8.31 20.74
C VAL C 131 -19.45 9.31 19.69
N LEU C 132 -18.87 9.28 18.50
CA LEU C 132 -19.27 10.20 17.44
C LEU C 132 -20.70 9.92 16.95
N LEU C 133 -21.01 8.64 16.79
CA LEU C 133 -22.35 8.21 16.45
C LEU C 133 -23.40 8.61 17.49
N LYS C 134 -23.06 8.40 18.76
CA LYS C 134 -23.91 8.74 19.89
C LYS C 134 -24.31 10.22 19.91
N TYR C 135 -23.38 11.09 19.50
CA TYR C 135 -23.65 12.53 19.47
C TYR C 135 -23.99 13.10 18.10
N GLY C 136 -24.39 12.20 17.19
CA GLY C 136 -25.00 12.61 15.93
C GLY C 136 -24.21 12.49 14.64
N ALA C 137 -23.03 11.84 14.66
CA ALA C 137 -22.33 11.64 13.40
C ALA C 137 -23.26 10.93 12.42
N ASP C 138 -23.24 11.40 11.17
CA ASP C 138 -24.06 10.80 10.13
C ASP C 138 -23.19 9.86 9.32
N VAL C 139 -23.64 8.62 9.18
CA VAL C 139 -22.87 7.63 8.42
C VAL C 139 -22.84 7.94 6.92
N ASN C 140 -23.95 8.45 6.39
CA ASN C 140 -24.04 8.83 4.96
C ASN C 140 -23.81 10.33 4.69
N ALA C 141 -23.03 10.98 5.55
CA ALA C 141 -22.75 12.42 5.43
C ALA C 141 -22.03 12.77 4.13
N ASP D 13 -23.39 -34.28 -6.42
CA ASP D 13 -23.23 -32.86 -6.91
C ASP D 13 -24.25 -31.88 -6.35
N LEU D 14 -25.23 -32.39 -5.59
CA LEU D 14 -26.34 -31.59 -5.05
C LEU D 14 -25.83 -30.47 -4.13
N GLY D 15 -24.80 -30.77 -3.35
CA GLY D 15 -24.11 -29.78 -2.54
C GLY D 15 -23.42 -28.75 -3.42
N LYS D 16 -22.65 -29.25 -4.39
CA LYS D 16 -21.92 -28.42 -5.35
C LYS D 16 -22.84 -27.50 -6.15
N LYS D 17 -23.89 -28.09 -6.72
CA LYS D 17 -24.89 -27.34 -7.48
C LYS D 17 -25.42 -26.14 -6.68
N LEU D 18 -25.78 -26.40 -5.42
CA LEU D 18 -26.33 -25.40 -4.52
C LEU D 18 -25.33 -24.28 -4.28
N LEU D 19 -24.08 -24.65 -4.03
CA LEU D 19 -23.00 -23.69 -3.85
C LEU D 19 -22.94 -22.75 -5.03
N GLU D 20 -22.97 -23.30 -6.24
CA GLU D 20 -22.92 -22.51 -7.46
C GLU D 20 -24.17 -21.67 -7.71
N ALA D 21 -25.33 -22.24 -7.38
CA ALA D 21 -26.62 -21.54 -7.54
C ALA D 21 -26.71 -20.37 -6.58
N ALA D 22 -26.20 -20.57 -5.37
CA ALA D 22 -26.20 -19.54 -4.36
C ALA D 22 -25.21 -18.41 -4.72
N ARG D 23 -24.07 -18.78 -5.29
CA ARG D 23 -23.08 -17.79 -5.75
C ARG D 23 -23.63 -16.97 -6.89
N ALA D 24 -24.20 -17.66 -7.88
CA ALA D 24 -24.68 -17.04 -9.12
C ALA D 24 -25.86 -16.12 -8.86
N GLY D 25 -26.48 -16.30 -7.69
CA GLY D 25 -27.67 -15.53 -7.30
C GLY D 25 -28.92 -16.02 -7.97
N GLN D 26 -28.95 -17.30 -8.32
CA GLN D 26 -30.08 -17.88 -9.03
C GLN D 26 -31.13 -18.43 -8.07
N ASP D 27 -32.10 -17.57 -7.77
CA ASP D 27 -33.05 -17.77 -6.68
C ASP D 27 -33.97 -18.98 -6.85
N ASP D 28 -34.50 -19.18 -8.05
CA ASP D 28 -35.39 -20.30 -8.30
C ASP D 28 -34.63 -21.62 -8.19
N GLU D 29 -33.43 -21.67 -8.76
CA GLU D 29 -32.60 -22.87 -8.76
C GLU D 29 -32.27 -23.35 -7.34
N VAL D 30 -32.00 -22.39 -6.45
CA VAL D 30 -31.75 -22.65 -5.03
C VAL D 30 -32.94 -23.34 -4.33
N ARG D 31 -34.13 -22.79 -4.50
CA ARG D 31 -35.35 -23.37 -3.94
C ARG D 31 -35.57 -24.80 -4.42
N ILE D 32 -35.32 -25.04 -5.70
CA ILE D 32 -35.50 -26.35 -6.32
C ILE D 32 -34.48 -27.36 -5.79
N LEU D 33 -33.24 -26.90 -5.63
CA LEU D 33 -32.19 -27.76 -5.09
C LEU D 33 -32.42 -28.13 -3.62
N ILE D 34 -32.88 -27.18 -2.82
CA ILE D 34 -33.22 -27.44 -1.41
C ILE D 34 -34.41 -28.40 -1.27
N ALA D 35 -35.41 -28.22 -2.14
CA ALA D 35 -36.58 -29.10 -2.19
C ALA D 35 -36.18 -30.50 -2.67
N ASN D 36 -35.09 -30.55 -3.45
CA ASN D 36 -34.50 -31.80 -3.90
C ASN D 36 -33.68 -32.51 -2.81
N GLY D 37 -33.56 -31.87 -1.66
CA GLY D 37 -32.74 -32.42 -0.58
C GLY D 37 -31.28 -31.99 -0.58
N ALA D 38 -30.94 -30.96 -1.33
CA ALA D 38 -29.55 -30.45 -1.32
C ALA D 38 -29.15 -30.01 0.09
N ASP D 39 -27.91 -30.32 0.46
CA ASP D 39 -27.36 -29.95 1.77
C ASP D 39 -27.11 -28.43 1.85
N VAL D 40 -27.96 -27.75 2.63
CA VAL D 40 -27.82 -26.30 2.86
C VAL D 40 -26.47 -25.94 3.51
N ASN D 41 -25.88 -26.92 4.19
CA ASN D 41 -24.58 -26.78 4.82
C ASN D 41 -23.41 -27.37 3.99
N ALA D 42 -23.58 -27.48 2.67
CA ALA D 42 -22.49 -27.94 1.79
C ALA D 42 -21.31 -26.99 1.95
N VAL D 43 -20.08 -27.51 1.82
CA VAL D 43 -18.88 -26.68 1.83
C VAL D 43 -18.00 -26.87 0.59
N ASP D 44 -17.41 -25.78 0.11
CA ASP D 44 -16.46 -25.86 -0.98
C ASP D 44 -15.02 -26.03 -0.44
N ASN D 45 -14.06 -26.09 -1.36
CA ASN D 45 -12.68 -26.41 -0.98
C ASN D 45 -11.92 -25.38 -0.10
N THR D 46 -12.52 -24.21 0.19
CA THR D 46 -11.93 -23.27 1.18
C THR D 46 -12.93 -22.98 2.31
N GLY D 47 -13.91 -23.88 2.44
CA GLY D 47 -14.85 -23.86 3.55
C GLY D 47 -16.04 -22.94 3.39
N LEU D 48 -16.27 -22.46 2.17
CA LEU D 48 -17.41 -21.58 1.91
C LEU D 48 -18.69 -22.39 1.78
N THR D 49 -19.76 -21.92 2.42
CA THR D 49 -21.10 -22.54 2.35
C THR D 49 -22.00 -21.72 1.44
N PRO D 50 -23.18 -22.27 1.03
CA PRO D 50 -24.05 -21.43 0.21
C PRO D 50 -24.35 -20.08 0.83
N LEU D 51 -24.55 -20.05 2.14
CA LEU D 51 -24.83 -18.83 2.89
C LEU D 51 -23.69 -17.80 2.79
N HIS D 52 -22.44 -18.26 2.96
CA HIS D 52 -21.26 -17.44 2.67
C HIS D 52 -21.37 -16.79 1.30
N LEU D 53 -21.63 -17.61 0.29
CA LEU D 53 -21.53 -17.18 -1.11
C LEU D 53 -22.66 -16.25 -1.50
N ALA D 54 -23.83 -16.48 -0.92
CA ALA D 54 -24.94 -15.57 -1.10
C ALA D 54 -24.68 -14.27 -0.34
N ALA D 55 -24.16 -14.37 0.88
CA ALA D 55 -23.90 -13.17 1.67
C ALA D 55 -22.87 -12.28 0.97
N VAL D 56 -21.70 -12.83 0.65
CA VAL D 56 -20.61 -12.05 0.06
C VAL D 56 -20.98 -11.47 -1.30
N SER D 57 -21.99 -12.08 -1.94
CA SER D 57 -22.37 -11.67 -3.27
C SER D 57 -23.56 -10.71 -3.28
N GLY D 58 -24.16 -10.49 -2.10
CA GLY D 58 -25.31 -9.61 -1.93
C GLY D 58 -26.67 -10.17 -2.35
N HIS D 59 -26.81 -11.51 -2.34
CA HIS D 59 -28.06 -12.15 -2.78
C HIS D 59 -29.02 -12.36 -1.60
N LEU D 60 -29.76 -11.31 -1.28
CA LEU D 60 -30.55 -11.22 -0.05
C LEU D 60 -31.63 -12.31 0.09
N GLU D 61 -32.44 -12.48 -0.97
CA GLU D 61 -33.52 -13.48 -0.99
C GLU D 61 -33.03 -14.91 -0.70
N ILE D 62 -31.74 -15.14 -1.12
CA ILE D 62 -31.15 -16.48 -1.03
C ILE D 62 -30.69 -16.73 0.39
N VAL D 63 -30.13 -15.70 1.00
CA VAL D 63 -29.69 -15.77 2.39
C VAL D 63 -30.89 -16.19 3.28
N GLU D 64 -32.02 -15.51 3.09
CA GLU D 64 -33.24 -15.76 3.85
C GLU D 64 -33.75 -17.18 3.63
N VAL D 65 -33.77 -17.59 2.35
CA VAL D 65 -34.14 -18.95 1.97
C VAL D 65 -33.27 -20.00 2.69
N LEU D 66 -31.94 -19.79 2.65
CA LEU D 66 -31.04 -20.73 3.28
C LEU D 66 -31.30 -20.82 4.78
N LEU D 67 -31.32 -19.66 5.46
CA LEU D 67 -31.59 -19.59 6.91
C LEU D 67 -32.90 -20.24 7.34
N LYS D 68 -33.99 -19.95 6.62
CA LYS D 68 -35.30 -20.56 6.89
C LYS D 68 -35.27 -22.10 6.81
N HIS D 69 -34.38 -22.61 5.96
CA HIS D 69 -34.19 -24.06 5.80
C HIS D 69 -33.05 -24.59 6.67
N GLY D 70 -32.66 -23.78 7.66
CA GLY D 70 -31.75 -24.22 8.72
C GLY D 70 -30.26 -24.17 8.44
N ALA D 71 -29.85 -23.31 7.52
CA ALA D 71 -28.43 -23.13 7.21
C ALA D 71 -27.66 -22.63 8.44
N ASP D 72 -26.44 -23.12 8.60
CA ASP D 72 -25.62 -22.78 9.76
C ASP D 72 -25.20 -21.34 9.65
N VAL D 73 -25.81 -20.51 10.48
CA VAL D 73 -25.61 -19.09 10.45
C VAL D 73 -24.14 -18.75 10.77
N ASP D 74 -23.51 -19.52 11.65
CA ASP D 74 -22.16 -19.20 12.12
C ASP D 74 -21.04 -20.08 11.59
N ALA D 75 -21.29 -20.81 10.50
CA ALA D 75 -20.26 -21.58 9.80
C ALA D 75 -19.09 -20.68 9.38
N ALA D 76 -17.86 -21.14 9.67
CA ALA D 76 -16.66 -20.38 9.37
C ALA D 76 -15.86 -21.05 8.26
N ASP D 77 -15.35 -20.26 7.32
CA ASP D 77 -14.51 -20.74 6.23
C ASP D 77 -13.02 -20.88 6.64
N VAL D 78 -12.15 -21.10 5.67
CA VAL D 78 -10.74 -21.33 5.95
C VAL D 78 -10.05 -20.12 6.65
N TYR D 79 -10.62 -18.93 6.49
CA TYR D 79 -10.08 -17.71 7.08
C TYR D 79 -10.72 -17.47 8.43
N GLY D 80 -11.78 -18.23 8.71
CA GLY D 80 -12.62 -18.03 9.87
C GLY D 80 -13.71 -16.99 9.65
N PHE D 81 -13.98 -16.62 8.39
CA PHE D 81 -15.10 -15.75 8.06
C PHE D 81 -16.43 -16.48 8.20
N THR D 82 -17.35 -15.90 8.97
CA THR D 82 -18.74 -16.32 8.96
C THR D 82 -19.42 -15.56 7.84
N PRO D 83 -20.64 -15.99 7.43
CA PRO D 83 -21.34 -15.19 6.43
C PRO D 83 -21.53 -13.72 6.86
N LEU D 84 -21.69 -13.49 8.16
CA LEU D 84 -21.75 -12.13 8.68
C LEU D 84 -20.47 -11.33 8.41
N HIS D 85 -19.30 -11.94 8.56
CA HIS D 85 -18.02 -11.28 8.23
C HIS D 85 -18.04 -10.83 6.79
N LEU D 86 -18.50 -11.70 5.91
CA LEU D 86 -18.45 -11.44 4.46
C LEU D 86 -19.46 -10.40 4.00
N ALA D 87 -20.62 -10.35 4.66
CA ALA D 87 -21.63 -9.37 4.32
C ALA D 87 -21.20 -8.00 4.84
N ALA D 88 -20.56 -8.00 6.00
CA ALA D 88 -20.15 -6.77 6.64
C ALA D 88 -19.01 -6.12 5.85
N MET D 89 -18.06 -6.91 5.39
CA MET D 89 -16.92 -6.36 4.66
C MET D 89 -17.28 -5.81 3.28
N THR D 90 -18.32 -6.39 2.67
CA THR D 90 -18.80 -6.01 1.33
C THR D 90 -19.94 -4.98 1.37
N GLY D 91 -20.42 -4.65 2.57
CA GLY D 91 -21.37 -3.56 2.74
C GLY D 91 -22.84 -3.88 2.49
N HIS D 92 -23.20 -5.17 2.51
CA HIS D 92 -24.59 -5.58 2.24
C HIS D 92 -25.43 -5.51 3.50
N LEU D 93 -26.01 -4.33 3.73
CA LEU D 93 -26.72 -3.97 4.96
C LEU D 93 -27.88 -4.89 5.27
N GLU D 94 -28.73 -5.13 4.28
CA GLU D 94 -29.93 -5.94 4.45
C GLU D 94 -29.58 -7.37 4.88
N ILE D 95 -28.50 -7.90 4.31
CA ILE D 95 -28.02 -9.22 4.68
C ILE D 95 -27.45 -9.26 6.11
N VAL D 96 -26.68 -8.25 6.47
CA VAL D 96 -26.17 -8.12 7.84
C VAL D 96 -27.34 -8.18 8.83
N GLU D 97 -28.43 -7.48 8.55
CA GLU D 97 -29.64 -7.52 9.40
C GLU D 97 -30.25 -8.92 9.45
N VAL D 98 -30.46 -9.53 8.28
CA VAL D 98 -31.03 -10.86 8.18
C VAL D 98 -30.25 -11.84 9.03
N LEU D 99 -28.96 -11.95 8.75
CA LEU D 99 -28.07 -12.81 9.50
C LEU D 99 -28.20 -12.56 10.99
N LEU D 100 -28.24 -11.28 11.39
CA LEU D 100 -28.43 -10.96 12.80
C LEU D 100 -29.78 -11.46 13.37
N LYS D 101 -30.88 -11.26 12.63
CA LYS D 101 -32.20 -11.76 13.02
C LYS D 101 -32.23 -13.28 13.23
N TYR D 102 -31.39 -14.00 12.47
CA TYR D 102 -31.27 -15.45 12.63
C TYR D 102 -30.11 -15.87 13.55
N GLY D 103 -29.78 -15.01 14.51
CA GLY D 103 -28.85 -15.36 15.59
C GLY D 103 -27.38 -15.50 15.23
N ALA D 104 -26.95 -14.82 14.17
CA ALA D 104 -25.53 -14.74 13.84
C ALA D 104 -24.85 -14.08 15.03
N ASP D 105 -23.69 -14.62 15.42
CA ASP D 105 -22.89 -14.08 16.51
C ASP D 105 -22.31 -12.75 16.02
N VAL D 106 -22.74 -11.65 16.65
CA VAL D 106 -22.31 -10.31 16.24
C VAL D 106 -20.81 -10.12 16.48
N ASN D 107 -20.30 -10.78 17.51
CA ASN D 107 -18.88 -10.69 17.85
C ASN D 107 -18.07 -11.92 17.42
N ALA D 108 -18.50 -12.60 16.37
CA ALA D 108 -17.75 -13.76 15.86
C ALA D 108 -16.34 -13.33 15.44
N PHE D 109 -15.33 -14.09 15.88
CA PHE D 109 -13.93 -13.81 15.54
C PHE D 109 -13.43 -14.70 14.40
N ASP D 110 -12.83 -14.07 13.38
CA ASP D 110 -12.06 -14.82 12.38
C ASP D 110 -10.66 -15.15 12.93
N MET D 111 -9.79 -15.66 12.06
CA MET D 111 -8.48 -16.13 12.49
C MET D 111 -7.46 -15.03 12.72
N THR D 112 -7.90 -13.79 12.58
CA THR D 112 -7.10 -12.65 13.00
C THR D 112 -7.67 -12.08 14.30
N GLY D 113 -8.75 -12.69 14.78
CA GLY D 113 -9.48 -12.17 15.93
C GLY D 113 -10.30 -10.94 15.59
N SER D 114 -10.70 -10.81 14.33
CA SER D 114 -11.52 -9.69 13.92
C SER D 114 -12.99 -10.08 13.91
N THR D 115 -13.81 -9.18 14.44
CA THR D 115 -15.27 -9.32 14.41
C THR D 115 -15.76 -8.69 13.10
N PRO D 116 -17.00 -8.99 12.69
CA PRO D 116 -17.55 -8.28 11.51
C PRO D 116 -17.46 -6.74 11.58
N LEU D 117 -17.59 -6.15 12.76
CA LEU D 117 -17.42 -4.71 12.92
C LEU D 117 -16.01 -4.19 12.60
N HIS D 118 -14.98 -4.92 13.01
CA HIS D 118 -13.58 -4.58 12.64
C HIS D 118 -13.50 -4.50 11.12
N LEU D 119 -13.96 -5.58 10.47
CA LEU D 119 -13.84 -5.73 9.04
C LEU D 119 -14.61 -4.67 8.28
N ALA D 120 -15.79 -4.33 8.76
CA ALA D 120 -16.60 -3.29 8.15
C ALA D 120 -15.99 -1.89 8.36
N ALA D 121 -15.47 -1.63 9.55
CA ALA D 121 -14.81 -0.35 9.84
C ALA D 121 -13.62 -0.15 8.89
N ASP D 122 -12.83 -1.21 8.69
CA ASP D 122 -11.67 -1.18 7.81
C ASP D 122 -12.04 -0.94 6.35
N GLU D 123 -13.25 -1.35 5.94
CA GLU D 123 -13.66 -1.14 4.55
C GLU D 123 -14.45 0.16 4.35
N GLY D 124 -14.63 0.91 5.44
CA GLY D 124 -15.37 2.17 5.40
C GLY D 124 -16.89 1.98 5.36
N HIS D 125 -17.38 0.79 5.71
CA HIS D 125 -18.84 0.57 5.69
C HIS D 125 -19.48 0.96 7.02
N LEU D 126 -19.70 2.25 7.18
CA LEU D 126 -20.06 2.82 8.48
C LEU D 126 -21.51 2.54 8.90
N GLU D 127 -22.44 2.48 7.93
CA GLU D 127 -23.80 2.10 8.27
C GLU D 127 -23.84 0.67 8.85
N ILE D 128 -23.03 -0.23 8.30
CA ILE D 128 -22.86 -1.59 8.88
C ILE D 128 -22.35 -1.51 10.32
N VAL D 129 -21.28 -0.74 10.53
CA VAL D 129 -20.74 -0.53 11.87
C VAL D 129 -21.88 -0.15 12.83
N GLU D 130 -22.68 0.82 12.39
CA GLU D 130 -23.80 1.34 13.14
C GLU D 130 -24.84 0.27 13.46
N VAL D 131 -25.19 -0.57 12.49
CA VAL D 131 -26.17 -1.64 12.73
C VAL D 131 -25.59 -2.70 13.66
N LEU D 132 -24.32 -3.02 13.43
CA LEU D 132 -23.68 -4.05 14.23
C LEU D 132 -23.66 -3.59 15.68
N LEU D 133 -23.34 -2.31 15.90
CA LEU D 133 -23.38 -1.72 17.24
C LEU D 133 -24.75 -1.81 17.90
N LYS D 134 -25.81 -1.56 17.12
CA LYS D 134 -27.18 -1.62 17.59
C LYS D 134 -27.55 -3.05 18.02
N TYR D 135 -27.03 -4.01 17.28
CA TYR D 135 -27.22 -5.43 17.58
C TYR D 135 -26.22 -5.95 18.63
N GLY D 136 -25.53 -5.02 19.28
CA GLY D 136 -24.71 -5.32 20.46
C GLY D 136 -23.26 -5.74 20.20
N ALA D 137 -22.71 -5.30 19.07
CA ALA D 137 -21.28 -5.52 18.78
C ALA D 137 -20.41 -4.84 19.82
N ASP D 138 -19.39 -5.55 20.28
CA ASP D 138 -18.50 -5.03 21.30
C ASP D 138 -17.24 -4.54 20.59
N VAL D 139 -17.00 -3.22 20.67
CA VAL D 139 -15.83 -2.61 20.03
C VAL D 139 -14.53 -3.16 20.61
N ASN D 140 -14.56 -3.47 21.91
CA ASN D 140 -13.43 -4.03 22.62
C ASN D 140 -13.42 -5.55 22.64
N ALA D 141 -14.24 -6.19 21.80
CA ALA D 141 -14.30 -7.64 21.70
C ALA D 141 -12.91 -8.28 21.55
#